data_9GEJ
#
_entry.id   9GEJ
#
_cell.length_a   162.160
_cell.length_b   50.189
_cell.length_c   144.461
_cell.angle_alpha   90.00
_cell.angle_beta   101.38
_cell.angle_gamma   90.00
#
_symmetry.space_group_name_H-M   'C 1 2 1'
#
loop_
_entity.id
_entity.type
_entity.pdbx_description
1 polymer CREBBP
2 non-polymer 2R,13S,E)-2-methyl-1,2,3,5,10,11,13,14,20,21,24,25-dodecahydro-19H,23H-16,18-etheno-9,13-methano-7,28-(metheno)[1,4]diazepino[2,3-k]pyrido[1,2-s][1,4]dioxa[7,19]diazacyclodocosine-4,8-dione
3 non-polymer 'SULFATE ION'
4 water water
#
_entity_poly.entity_id   1
_entity_poly.type   'polypeptide(L)'
_entity_poly.pdbx_seq_one_letter_code
;SMRKKIFKPEELRQALMPTLEALYRQDPESLPFRQPVDPQLLGIPDYFDIVKNPMDLSTIKRKLDTGQYQEPWQYVDDVW
LMFNNAWLYNRKTSRVYKFCSKLAEVFEQEIDPVMQSLG
;
_entity_poly.pdbx_strand_id   A,B,C,D,E,F,G
#
loop_
_chem_comp.id
_chem_comp.type
_chem_comp.name
_chem_comp.formula
A1IKJ non-polymer 2R,13S,E)-2-methyl-1,2,3,5,10,11,13,14,20,21,24,25-dodecahydro-19H,23H-16,18-etheno-9,13-methano-7,28-(metheno)[1,4]diazepino[2,3-k]pyrido[1,2-s][1,4]dioxa[7,19]diazacyclodocosine-4,8-dione 'C30 H36 N4 O4'
SO4 non-polymer 'SULFATE ION' 'O4 S -2'
#
# COMPACT_ATOMS: atom_id res chain seq x y z
N ARG A 3 -6.15 -0.55 28.82
CA ARG A 3 -6.55 0.74 29.36
C ARG A 3 -6.15 1.86 28.40
N LYS A 4 -5.16 2.66 28.80
CA LYS A 4 -4.62 3.72 27.96
C LYS A 4 -3.11 3.81 28.20
N LYS A 5 -2.36 4.07 27.12
CA LYS A 5 -0.91 4.21 27.16
C LYS A 5 -0.20 2.90 27.52
N ILE A 6 -0.62 2.27 28.61
CA ILE A 6 -0.02 1.03 29.09
C ILE A 6 -0.87 -0.13 28.57
N PHE A 7 -0.35 -0.82 27.57
CA PHE A 7 -0.96 -2.04 27.03
C PHE A 7 0.06 -3.16 27.09
N LYS A 8 -0.39 -4.33 27.53
CA LYS A 8 0.51 -5.48 27.58
C LYS A 8 0.69 -6.06 26.19
N PRO A 9 1.89 -6.57 25.87
CA PRO A 9 2.10 -7.18 24.55
C PRO A 9 1.13 -8.30 24.23
N GLU A 10 0.81 -9.17 25.20
CA GLU A 10 -0.13 -10.26 24.92
C GLU A 10 -1.55 -9.75 24.75
N GLU A 11 -1.93 -8.72 25.51
CA GLU A 11 -3.24 -8.10 25.33
C GLU A 11 -3.38 -7.53 23.92
N LEU A 12 -2.37 -6.79 23.47
CA LEU A 12 -2.41 -6.21 22.13
C LEU A 12 -2.47 -7.30 21.07
N ARG A 13 -1.62 -8.32 21.21
CA ARG A 13 -1.56 -9.37 20.20
C ARG A 13 -2.89 -10.11 20.10
N GLN A 14 -3.45 -10.50 21.25
CA GLN A 14 -4.68 -11.28 21.24
C GLN A 14 -5.85 -10.48 20.67
N ALA A 15 -5.83 -9.17 20.82
CA ALA A 15 -6.92 -8.34 20.32
C ALA A 15 -6.73 -7.95 18.86
N LEU A 16 -5.50 -7.63 18.46
CA LEU A 16 -5.23 -7.10 17.14
C LEU A 16 -4.96 -8.17 16.09
N MET A 17 -4.40 -9.31 16.48
CA MET A 17 -4.11 -10.36 15.52
C MET A 17 -5.31 -10.80 14.68
N PRO A 18 -6.52 -10.95 15.22
CA PRO A 18 -7.66 -11.28 14.35
C PRO A 18 -7.88 -10.29 13.21
N THR A 19 -7.63 -9.00 13.44
CA THR A 19 -7.79 -8.02 12.35
C THR A 19 -6.74 -8.24 11.26
N LEU A 20 -5.52 -8.58 11.67
CA LEU A 20 -4.48 -8.88 10.69
C LEU A 20 -4.79 -10.17 9.95
N GLU A 21 -5.26 -11.19 10.67
CA GLU A 21 -5.64 -12.45 10.04
CA GLU A 21 -5.63 -12.45 10.02
C GLU A 21 -6.78 -12.25 9.05
N ALA A 22 -7.69 -11.31 9.33
CA ALA A 22 -8.77 -11.03 8.38
C ALA A 22 -8.21 -10.53 7.06
N LEU A 23 -7.08 -9.83 7.10
CA LEU A 23 -6.43 -9.39 5.87
C LEU A 23 -5.77 -10.56 5.15
N TYR A 24 -5.06 -11.42 5.89
CA TYR A 24 -4.45 -12.59 5.28
C TYR A 24 -5.47 -13.46 4.56
N ARG A 25 -6.67 -13.59 5.14
CA ARG A 25 -7.68 -14.48 4.56
C ARG A 25 -8.13 -14.03 3.18
N GLN A 26 -7.95 -12.75 2.85
CA GLN A 26 -8.34 -12.24 1.55
C GLN A 26 -7.39 -12.78 0.49
N ASP A 27 -7.87 -13.70 -0.34
CA ASP A 27 -7.10 -14.31 -1.41
C ASP A 27 -7.85 -14.09 -2.71
N PRO A 28 -7.25 -13.48 -3.73
CA PRO A 28 -5.83 -13.12 -3.86
C PRO A 28 -5.44 -11.71 -3.39
N GLU A 29 -6.31 -10.99 -2.70
CA GLU A 29 -6.05 -9.58 -2.44
C GLU A 29 -4.86 -9.36 -1.52
N SER A 30 -4.64 -10.25 -0.55
CA SER A 30 -3.50 -10.07 0.35
C SER A 30 -2.19 -10.60 -0.23
N LEU A 31 -2.25 -11.39 -1.30
CA LEU A 31 -1.05 -12.03 -1.83
C LEU A 31 0.11 -11.07 -2.14
N PRO A 32 -0.10 -9.90 -2.75
CA PRO A 32 1.03 -9.00 -2.99
C PRO A 32 1.64 -8.43 -1.71
N PHE A 33 0.96 -8.57 -0.57
CA PHE A 33 1.37 -7.90 0.66
C PHE A 33 1.79 -8.88 1.75
N ARG A 34 2.00 -10.15 1.40
CA ARG A 34 2.38 -11.17 2.38
C ARG A 34 3.84 -11.09 2.79
N GLN A 35 4.70 -10.51 1.95
CA GLN A 35 6.13 -10.46 2.19
C GLN A 35 6.65 -9.09 1.79
N PRO A 36 7.80 -8.68 2.31
CA PRO A 36 8.37 -7.39 1.91
C PRO A 36 8.61 -7.32 0.42
N VAL A 37 8.42 -6.12 -0.14
CA VAL A 37 8.59 -5.91 -1.58
C VAL A 37 10.05 -6.10 -1.96
N ASP A 38 10.30 -6.91 -2.98
CA ASP A 38 11.62 -7.07 -3.58
C ASP A 38 11.61 -6.36 -4.92
N PRO A 39 12.07 -5.11 -5.00
CA PRO A 39 11.97 -4.37 -6.27
C PRO A 39 12.69 -5.05 -7.42
N GLN A 40 13.87 -5.63 -7.19
CA GLN A 40 14.58 -6.27 -8.28
C GLN A 40 13.88 -7.53 -8.75
N LEU A 41 13.28 -8.27 -7.82
CA LEU A 41 12.55 -9.48 -8.20
C LEU A 41 11.33 -9.12 -9.05
N LEU A 42 10.64 -8.05 -8.71
CA LEU A 42 9.40 -7.65 -9.36
C LEU A 42 9.61 -6.74 -10.56
N GLY A 43 10.87 -6.39 -10.87
CA GLY A 43 11.14 -5.52 -12.00
C GLY A 43 10.69 -4.09 -11.83
N ILE A 44 10.72 -3.57 -10.60
CA ILE A 44 10.32 -2.19 -10.32
C ILE A 44 11.44 -1.51 -9.55
N PRO A 45 12.58 -1.21 -10.19
CA PRO A 45 13.76 -0.76 -9.44
C PRO A 45 13.59 0.58 -8.75
N ASP A 46 12.60 1.40 -9.13
CA ASP A 46 12.40 2.69 -8.50
C ASP A 46 11.48 2.63 -7.29
N TYR A 47 11.15 1.43 -6.81
CA TYR A 47 10.18 1.31 -5.72
C TYR A 47 10.65 2.04 -4.48
N PHE A 48 11.89 1.79 -4.04
CA PHE A 48 12.39 2.44 -2.84
C PHE A 48 12.60 3.93 -3.01
N ASP A 49 12.65 4.41 -4.25
CA ASP A 49 12.71 5.85 -4.49
C ASP A 49 11.37 6.51 -4.22
N ILE A 50 10.28 5.76 -4.34
CA ILE A 50 8.94 6.29 -4.13
C ILE A 50 8.41 5.95 -2.75
N VAL A 51 8.64 4.73 -2.30
CA VAL A 51 8.17 4.25 -1.01
C VAL A 51 9.33 4.41 -0.02
N LYS A 52 9.22 5.41 0.84
CA LYS A 52 10.32 5.73 1.74
C LYS A 52 10.40 4.74 2.90
N ASN A 53 9.26 4.19 3.32
CA ASN A 53 9.17 3.29 4.46
C ASN A 53 8.34 2.06 4.09
N PRO A 54 8.98 1.01 3.59
CA PRO A 54 8.23 -0.19 3.21
C PRO A 54 7.56 -0.85 4.42
N MET A 55 6.44 -1.52 4.15
CA MET A 55 5.69 -2.21 5.20
C MET A 55 4.84 -3.28 4.55
N ASP A 56 4.70 -4.42 5.23
CA ASP A 56 3.92 -5.53 4.71
C ASP A 56 3.34 -6.32 5.86
N LEU A 57 2.50 -7.30 5.52
CA LEU A 57 1.80 -8.07 6.55
C LEU A 57 2.77 -8.86 7.42
N SER A 58 3.79 -9.48 6.81
CA SER A 58 4.74 -10.27 7.59
C SER A 58 5.48 -9.40 8.60
N THR A 59 5.83 -8.17 8.22
CA THR A 59 6.48 -7.27 9.15
C THR A 59 5.54 -6.86 10.29
N ILE A 60 4.27 -6.60 9.96
CA ILE A 60 3.31 -6.23 11.00
C ILE A 60 3.07 -7.41 11.94
N LYS A 61 2.93 -8.61 11.38
CA LYS A 61 2.75 -9.80 12.21
C LYS A 61 3.96 -10.04 13.10
N ARG A 62 5.17 -9.85 12.55
CA ARG A 62 6.38 -9.99 13.35
C ARG A 62 6.39 -9.02 14.52
N LYS A 63 5.99 -7.77 14.29
CA LYS A 63 6.01 -6.77 15.35
C LYS A 63 4.99 -7.09 16.44
N LEU A 64 3.84 -7.67 16.07
CA LEU A 64 2.87 -8.09 17.08
C LEU A 64 3.40 -9.27 17.89
N ASP A 65 4.01 -10.25 17.23
CA ASP A 65 4.47 -11.44 17.94
C ASP A 65 5.62 -11.13 18.88
N THR A 66 6.46 -10.14 18.54
CA THR A 66 7.60 -9.77 19.36
C THR A 66 7.32 -8.57 20.26
N GLY A 67 6.07 -8.12 20.32
CA GLY A 67 5.71 -7.03 21.20
C GLY A 67 6.34 -5.70 20.86
N GLN A 68 6.54 -5.41 19.58
CA GLN A 68 7.14 -4.15 19.21
C GLN A 68 6.13 -2.99 19.17
N TYR A 69 4.84 -3.29 19.31
CA TYR A 69 3.81 -2.27 19.39
C TYR A 69 3.50 -2.05 20.87
N GLN A 70 3.69 -0.81 21.33
CA GLN A 70 3.38 -0.48 22.71
C GLN A 70 1.94 -0.02 22.90
N GLU A 71 1.31 0.46 21.83
CA GLU A 71 -0.02 1.04 21.81
C GLU A 71 -0.74 0.52 20.58
N PRO A 72 -2.06 0.31 20.65
CA PRO A 72 -2.76 -0.24 19.49
C PRO A 72 -2.75 0.70 18.29
N TRP A 73 -2.61 2.00 18.50
CA TRP A 73 -2.64 2.95 17.39
C TRP A 73 -1.39 2.86 16.53
N GLN A 74 -0.26 2.37 17.08
CA GLN A 74 0.93 2.11 16.27
C GLN A 74 0.71 0.98 15.28
N TYR A 75 -0.06 -0.04 15.67
CA TYR A 75 -0.39 -1.12 14.75
C TYR A 75 -1.24 -0.58 13.59
N VAL A 76 -2.25 0.23 13.91
CA VAL A 76 -3.12 0.80 12.88
C VAL A 76 -2.32 1.66 11.92
N ASP A 77 -1.36 2.42 12.44
CA ASP A 77 -0.54 3.28 11.59
C ASP A 77 0.26 2.46 10.58
N ASP A 78 0.84 1.33 11.01
CA ASP A 78 1.59 0.49 10.07
C ASP A 78 0.68 -0.07 8.99
N VAL A 79 -0.57 -0.40 9.35
CA VAL A 79 -1.50 -0.93 8.36
C VAL A 79 -1.79 0.11 7.28
N TRP A 80 -2.01 1.36 7.70
CA TRP A 80 -2.29 2.42 6.74
C TRP A 80 -1.05 2.81 5.95
N LEU A 81 0.14 2.66 6.55
CA LEU A 81 1.37 2.86 5.79
C LEU A 81 1.50 1.83 4.67
N MET A 82 1.19 0.56 4.97
CA MET A 82 1.19 -0.46 3.93
C MET A 82 0.16 -0.13 2.84
N PHE A 83 -1.03 0.32 3.22
CA PHE A 83 -2.05 0.68 2.24
C PHE A 83 -1.56 1.84 1.36
N ASN A 84 -1.02 2.88 1.99
CA ASN A 84 -0.63 4.07 1.24
C ASN A 84 0.51 3.78 0.28
N ASN A 85 1.46 2.93 0.70
CA ASN A 85 2.54 2.54 -0.20
C ASN A 85 1.98 1.98 -1.51
N ALA A 86 0.96 1.12 -1.42
CA ALA A 86 0.38 0.56 -2.63
C ALA A 86 -0.43 1.58 -3.41
N TRP A 87 -1.17 2.45 -2.70
CA TRP A 87 -1.92 3.49 -3.38
C TRP A 87 -1.00 4.52 -4.02
N LEU A 88 0.16 4.79 -3.40
CA LEU A 88 1.07 5.78 -3.93
C LEU A 88 1.87 5.24 -5.11
N TYR A 89 2.42 4.02 -4.97
CA TYR A 89 3.30 3.51 -6.02
C TYR A 89 2.53 3.06 -7.25
N ASN A 90 1.34 2.51 -7.07
CA ASN A 90 0.56 1.96 -8.17
C ASN A 90 -0.50 2.96 -8.63
N ARG A 91 -0.94 2.79 -9.88
CA ARG A 91 -1.99 3.63 -10.43
C ARG A 91 -3.35 3.00 -10.17
N LYS A 92 -4.39 3.83 -10.21
CA LYS A 92 -5.72 3.39 -9.79
C LYS A 92 -6.25 2.24 -10.63
N THR A 93 -5.80 2.10 -11.87
CA THR A 93 -6.27 1.03 -12.73
C THR A 93 -5.52 -0.28 -12.52
N SER A 94 -4.43 -0.26 -11.75
CA SER A 94 -3.59 -1.43 -11.61
C SER A 94 -4.22 -2.44 -10.64
N ARG A 95 -3.83 -3.71 -10.80
CA ARG A 95 -4.40 -4.78 -10.00
C ARG A 95 -3.96 -4.68 -8.54
N VAL A 96 -2.70 -4.30 -8.31
CA VAL A 96 -2.20 -4.20 -6.94
C VAL A 96 -2.91 -3.09 -6.19
N TYR A 97 -3.24 -2.00 -6.88
CA TYR A 97 -4.02 -0.92 -6.26
C TYR A 97 -5.39 -1.44 -5.84
N LYS A 98 -6.09 -2.11 -6.76
CA LYS A 98 -7.43 -2.62 -6.45
CA LYS A 98 -7.42 -2.61 -6.44
C LYS A 98 -7.37 -3.64 -5.32
N PHE A 99 -6.34 -4.50 -5.32
CA PHE A 99 -6.18 -5.47 -4.24
C PHE A 99 -6.05 -4.76 -2.89
N CYS A 100 -5.25 -3.70 -2.85
CA CYS A 100 -5.07 -2.93 -1.62
C CYS A 100 -6.40 -2.33 -1.14
N SER A 101 -7.19 -1.79 -2.06
CA SER A 101 -8.45 -1.17 -1.66
C SER A 101 -9.41 -2.19 -1.06
N LYS A 102 -9.36 -3.44 -1.51
CA LYS A 102 -10.16 -4.49 -0.89
C LYS A 102 -9.69 -4.77 0.54
N LEU A 103 -8.37 -4.82 0.76
CA LEU A 103 -7.84 -4.99 2.11
C LEU A 103 -8.25 -3.85 3.02
N ALA A 104 -8.17 -2.61 2.52
CA ALA A 104 -8.59 -1.47 3.32
C ALA A 104 -10.05 -1.57 3.72
N GLU A 105 -10.91 -2.00 2.80
CA GLU A 105 -12.32 -2.17 3.13
C GLU A 105 -12.50 -3.18 4.26
N VAL A 106 -11.82 -4.32 4.17
CA VAL A 106 -11.94 -5.33 5.22
C VAL A 106 -11.44 -4.78 6.55
N PHE A 107 -10.30 -4.10 6.53
CA PHE A 107 -9.72 -3.59 7.78
C PHE A 107 -10.62 -2.52 8.39
N GLU A 108 -11.22 -1.67 7.56
CA GLU A 108 -12.09 -0.60 8.08
C GLU A 108 -13.34 -1.17 8.75
N GLN A 109 -13.84 -2.31 8.28
CA GLN A 109 -15.04 -2.89 8.86
C GLN A 109 -14.75 -3.77 10.08
N GLU A 110 -13.50 -4.13 10.32
CA GLU A 110 -13.15 -4.99 11.43
C GLU A 110 -12.51 -4.24 12.59
N ILE A 111 -11.85 -3.11 12.33
CA ILE A 111 -10.98 -2.51 13.34
C ILE A 111 -11.77 -1.74 14.39
N ASP A 112 -12.92 -1.17 14.04
CA ASP A 112 -13.65 -0.32 15.00
C ASP A 112 -14.00 -1.06 16.28
N PRO A 113 -14.68 -2.22 16.26
CA PRO A 113 -14.97 -2.89 17.54
C PRO A 113 -13.74 -3.29 18.32
N VAL A 114 -12.67 -3.69 17.63
CA VAL A 114 -11.45 -4.11 18.32
C VAL A 114 -10.84 -2.94 19.08
N MET A 115 -10.79 -1.76 18.46
CA MET A 115 -10.22 -0.60 19.15
C MET A 115 -11.03 -0.21 20.38
N GLN A 116 -12.36 -0.28 20.29
CA GLN A 116 -13.18 0.11 21.43
C GLN A 116 -13.07 -0.89 22.57
N SER A 117 -12.86 -2.17 22.27
CA SER A 117 -12.67 -3.16 23.32
C SER A 117 -11.34 -2.96 24.06
N LEU A 118 -10.36 -2.29 23.45
CA LEU A 118 -9.08 -2.05 24.09
C LEU A 118 -9.07 -0.82 24.98
N GLY A 119 -10.11 0.01 24.91
CA GLY A 119 -10.18 1.21 25.73
C GLY A 119 -9.24 2.28 25.26
N LYS B 4 -6.66 45.03 -7.89
CA LYS B 4 -5.56 45.97 -8.06
C LYS B 4 -4.48 45.41 -8.98
N LYS B 5 -3.31 45.14 -8.41
CA LYS B 5 -2.22 44.52 -9.15
C LYS B 5 -2.67 43.19 -9.74
N ILE B 6 -2.39 43.00 -11.03
CA ILE B 6 -2.81 41.81 -11.75
C ILE B 6 -1.59 40.91 -11.94
N PHE B 7 -1.64 39.72 -11.32
CA PHE B 7 -0.52 38.79 -11.38
C PHE B 7 -0.71 37.82 -12.55
N LYS B 8 0.39 37.51 -13.24
CA LYS B 8 0.34 36.55 -14.32
C LYS B 8 0.38 35.13 -13.77
N PRO B 9 -0.29 34.18 -14.44
CA PRO B 9 -0.28 32.79 -13.93
C PRO B 9 1.11 32.20 -13.79
N GLU B 10 1.98 32.39 -14.79
CA GLU B 10 3.32 31.83 -14.69
C GLU B 10 4.14 32.52 -13.62
N GLU B 11 3.94 33.82 -13.42
CA GLU B 11 4.60 34.52 -12.33
C GLU B 11 4.24 33.89 -10.99
N LEU B 12 2.95 33.63 -10.78
CA LEU B 12 2.49 33.00 -9.55
C LEU B 12 3.02 31.58 -9.40
N ARG B 13 3.00 30.81 -10.50
CA ARG B 13 3.44 29.42 -10.44
C ARG B 13 4.93 29.33 -10.08
N GLN B 14 5.76 30.11 -10.77
CA GLN B 14 7.21 30.02 -10.57
C GLN B 14 7.61 30.37 -9.15
N ALA B 15 6.87 31.28 -8.50
CA ALA B 15 7.25 31.72 -7.16
C ALA B 15 6.66 30.82 -6.09
N LEU B 16 5.41 30.37 -6.27
CA LEU B 16 4.69 29.65 -5.23
C LEU B 16 4.93 28.15 -5.27
N MET B 17 5.19 27.58 -6.44
CA MET B 17 5.39 26.13 -6.53
C MET B 17 6.48 25.60 -5.60
N PRO B 18 7.65 26.25 -5.46
CA PRO B 18 8.64 25.73 -4.49
C PRO B 18 8.11 25.57 -3.08
N THR B 19 7.21 26.44 -2.63
CA THR B 19 6.62 26.28 -1.29
C THR B 19 5.73 25.06 -1.24
N LEU B 20 4.99 24.79 -2.32
CA LEU B 20 4.16 23.58 -2.37
C LEU B 20 5.04 22.33 -2.42
N GLU B 21 6.14 22.39 -3.17
CA GLU B 21 7.07 21.27 -3.23
C GLU B 21 7.72 20.99 -1.88
N ALA B 22 7.92 22.03 -1.07
CA ALA B 22 8.43 21.83 0.28
C ALA B 22 7.48 21.00 1.12
N LEU B 23 6.18 21.10 0.86
CA LEU B 23 5.21 20.25 1.55
C LEU B 23 5.28 18.82 1.03
N TYR B 24 5.34 18.66 -0.29
CA TYR B 24 5.43 17.32 -0.88
C TYR B 24 6.61 16.54 -0.33
N ARG B 25 7.76 17.20 -0.14
CA ARG B 25 8.96 16.50 0.31
CA ARG B 25 8.97 16.49 0.31
C ARG B 25 8.81 15.95 1.73
N GLN B 26 7.83 16.43 2.48
CA GLN B 26 7.60 15.92 3.83
C GLN B 26 6.98 14.53 3.73
N ASP B 27 7.75 13.51 4.08
CA ASP B 27 7.31 12.12 4.05
C ASP B 27 7.56 11.52 5.42
N PRO B 28 6.53 10.97 6.08
CA PRO B 28 5.18 10.68 5.60
C PRO B 28 4.13 11.76 5.86
N GLU B 29 4.51 12.97 6.29
CA GLU B 29 3.51 13.94 6.74
C GLU B 29 2.61 14.42 5.61
N SER B 30 3.14 14.53 4.38
CA SER B 30 2.32 14.99 3.27
C SER B 30 1.51 13.88 2.63
N LEU B 31 1.81 12.62 2.93
CA LEU B 31 1.15 11.51 2.26
C LEU B 31 -0.37 11.53 2.34
N PRO B 32 -1.01 11.86 3.48
CA PRO B 32 -2.48 11.91 3.48
C PRO B 32 -3.07 13.02 2.62
N PHE B 33 -2.26 13.96 2.15
CA PHE B 33 -2.77 15.15 1.47
C PHE B 33 -2.34 15.22 0.02
N ARG B 34 -1.83 14.13 -0.55
CA ARG B 34 -1.36 14.14 -1.93
C ARG B 34 -2.50 14.08 -2.96
N GLN B 35 -3.66 13.59 -2.56
CA GLN B 35 -4.77 13.36 -3.48
C GLN B 35 -6.06 13.81 -2.80
N PRO B 36 -7.09 14.10 -3.59
CA PRO B 36 -8.38 14.45 -2.99
C PRO B 36 -8.90 13.32 -2.12
N VAL B 37 -9.56 13.69 -1.02
CA VAL B 37 -10.06 12.70 -0.08
C VAL B 37 -11.18 11.90 -0.73
N ASP B 38 -11.08 10.58 -0.65
CA ASP B 38 -12.13 9.67 -1.08
C ASP B 38 -12.77 9.10 0.17
N PRO B 39 -13.88 9.66 0.66
CA PRO B 39 -14.46 9.16 1.92
C PRO B 39 -14.86 7.70 1.88
N GLN B 40 -15.23 7.18 0.71
CA GLN B 40 -15.63 5.77 0.63
CA GLN B 40 -15.63 5.77 0.63
C GLN B 40 -14.41 4.86 0.73
N LEU B 41 -13.33 5.21 0.02
CA LEU B 41 -12.11 4.39 0.09
C LEU B 41 -11.56 4.38 1.51
N LEU B 42 -11.60 5.51 2.20
CA LEU B 42 -11.01 5.66 3.52
C LEU B 42 -11.96 5.28 4.66
N GLY B 43 -13.19 4.89 4.36
CA GLY B 43 -14.11 4.49 5.40
C GLY B 43 -14.56 5.61 6.31
N ILE B 44 -14.70 6.82 5.77
CA ILE B 44 -15.12 7.98 6.55
C ILE B 44 -16.30 8.64 5.85
N PRO B 45 -17.49 8.01 5.89
CA PRO B 45 -18.61 8.51 5.06
C PRO B 45 -19.13 9.88 5.47
N ASP B 46 -18.80 10.36 6.67
CA ASP B 46 -19.27 11.66 7.12
C ASP B 46 -18.31 12.80 6.77
N TYR B 47 -17.29 12.53 5.95
CA TYR B 47 -16.27 13.53 5.69
C TYR B 47 -16.85 14.78 5.05
N PHE B 48 -17.64 14.62 3.97
CA PHE B 48 -18.20 15.78 3.29
C PHE B 48 -19.26 16.49 4.09
N ASP B 49 -19.81 15.85 5.13
CA ASP B 49 -20.74 16.56 6.02
C ASP B 49 -20.01 17.52 6.93
N ILE B 50 -18.73 17.28 7.19
CA ILE B 50 -17.93 18.12 8.07
C ILE B 50 -17.05 19.07 7.26
N VAL B 51 -16.45 18.58 6.18
CA VAL B 51 -15.57 19.37 5.33
C VAL B 51 -16.42 19.85 4.15
N LYS B 52 -16.80 21.13 4.17
CA LYS B 52 -17.64 21.69 3.11
C LYS B 52 -16.85 21.98 1.84
N ASN B 53 -15.56 22.28 1.96
CA ASN B 53 -14.73 22.63 0.80
C ASN B 53 -13.44 21.82 0.86
N PRO B 54 -13.43 20.63 0.24
CA PRO B 54 -12.20 19.82 0.25
C PRO B 54 -11.07 20.50 -0.51
N MET B 55 -9.85 20.20 -0.09
CA MET B 55 -8.66 20.77 -0.72
C MET B 55 -7.47 19.87 -0.42
N ASP B 56 -6.58 19.72 -1.39
CA ASP B 56 -5.40 18.87 -1.23
C ASP B 56 -4.28 19.43 -2.09
N LEU B 57 -3.10 18.82 -1.96
CA LEU B 57 -1.92 19.30 -2.66
C LEU B 57 -2.09 19.19 -4.17
N SER B 58 -2.65 18.07 -4.65
CA SER B 58 -2.80 17.89 -6.09
C SER B 58 -3.74 18.93 -6.70
N THR B 59 -4.82 19.28 -5.99
CA THR B 59 -5.72 20.31 -6.47
C THR B 59 -5.05 21.68 -6.48
N ILE B 60 -4.25 21.99 -5.45
CA ILE B 60 -3.57 23.27 -5.43
C ILE B 60 -2.57 23.35 -6.58
N LYS B 61 -1.82 22.27 -6.82
CA LYS B 61 -0.88 22.26 -7.95
C LYS B 61 -1.60 22.44 -9.27
N ARG B 62 -2.75 21.77 -9.44
CA ARG B 62 -3.53 21.92 -10.67
C ARG B 62 -4.00 23.36 -10.86
N LYS B 63 -4.45 24.00 -9.78
CA LYS B 63 -4.87 25.39 -9.89
C LYS B 63 -3.70 26.30 -10.22
N LEU B 64 -2.51 25.99 -9.70
CA LEU B 64 -1.32 26.77 -10.05
C LEU B 64 -0.94 26.54 -11.51
N ASP B 65 -1.00 25.29 -11.98
CA ASP B 65 -0.61 24.98 -13.35
C ASP B 65 -1.60 25.53 -14.36
N THR B 66 -2.87 25.65 -13.98
CA THR B 66 -3.92 26.13 -14.89
C THR B 66 -4.24 27.61 -14.69
N GLY B 67 -3.46 28.32 -13.89
CA GLY B 67 -3.66 29.75 -13.73
C GLY B 67 -4.99 30.13 -13.10
N GLN B 68 -5.47 29.32 -12.16
CA GLN B 68 -6.73 29.58 -11.49
C GLN B 68 -6.61 30.56 -10.33
N TYR B 69 -5.40 30.97 -9.96
CA TYR B 69 -5.19 31.99 -8.93
C TYR B 69 -4.96 33.34 -9.58
N GLN B 70 -5.69 34.35 -9.12
CA GLN B 70 -5.49 35.70 -9.62
C GLN B 70 -4.51 36.49 -8.77
N GLU B 71 -4.37 36.14 -7.50
CA GLU B 71 -3.45 36.82 -6.58
C GLU B 71 -2.85 35.79 -5.64
N PRO B 72 -1.62 36.02 -5.18
CA PRO B 72 -0.91 34.95 -4.43
C PRO B 72 -1.58 34.53 -3.14
N TRP B 73 -2.33 35.41 -2.47
CA TRP B 73 -2.93 35.03 -1.20
C TRP B 73 -4.08 34.04 -1.36
N GLN B 74 -4.63 33.91 -2.57
CA GLN B 74 -5.61 32.85 -2.82
C GLN B 74 -4.97 31.47 -2.71
N TYR B 75 -3.71 31.37 -3.13
CA TYR B 75 -2.95 30.13 -2.95
C TYR B 75 -2.75 29.84 -1.48
N VAL B 76 -2.36 30.87 -0.72
CA VAL B 76 -2.17 30.71 0.73
C VAL B 76 -3.47 30.29 1.38
N ASP B 77 -4.60 30.84 0.92
CA ASP B 77 -5.90 30.48 1.47
C ASP B 77 -6.20 29.00 1.26
N ASP B 78 -5.90 28.47 0.07
CA ASP B 78 -6.13 27.05 -0.20
C ASP B 78 -5.24 26.17 0.67
N VAL B 79 -4.01 26.61 0.94
CA VAL B 79 -3.14 25.83 1.81
C VAL B 79 -3.71 25.76 3.21
N TRP B 80 -4.18 26.90 3.74
CA TRP B 80 -4.77 26.90 5.08
C TRP B 80 -6.12 26.20 5.10
N LEU B 81 -6.85 26.22 3.99
CA LEU B 81 -8.08 25.44 3.91
C LEU B 81 -7.80 23.95 4.01
N MET B 82 -6.75 23.48 3.32
CA MET B 82 -6.34 22.09 3.45
C MET B 82 -5.93 21.77 4.88
N PHE B 83 -5.20 22.68 5.53
CA PHE B 83 -4.81 22.47 6.92
C PHE B 83 -6.03 22.38 7.83
N ASN B 84 -6.95 23.33 7.69
CA ASN B 84 -8.09 23.38 8.61
C ASN B 84 -9.00 22.18 8.43
N ASN B 85 -9.17 21.71 7.19
CA ASN B 85 -9.95 20.49 6.98
C ASN B 85 -9.42 19.34 7.83
N ALA B 86 -8.10 19.18 7.87
CA ALA B 86 -7.51 18.10 8.65
C ALA B 86 -7.63 18.38 10.15
N TRP B 87 -7.43 19.63 10.56
CA TRP B 87 -7.58 19.98 11.97
C TRP B 87 -9.02 19.84 12.43
N LEU B 88 -9.97 20.17 11.55
CA LEU B 88 -11.38 20.14 11.92
C LEU B 88 -11.92 18.71 11.95
N TYR B 89 -11.62 17.91 10.94
CA TYR B 89 -12.21 16.58 10.86
C TYR B 89 -11.56 15.60 11.84
N ASN B 90 -10.26 15.72 12.06
CA ASN B 90 -9.53 14.77 12.87
C ASN B 90 -9.32 15.32 14.28
N ARG B 91 -9.16 14.41 15.24
CA ARG B 91 -8.89 14.80 16.62
C ARG B 91 -7.40 15.07 16.80
N LYS B 92 -7.07 15.84 17.85
CA LYS B 92 -5.69 16.23 18.10
C LYS B 92 -4.77 15.03 18.31
N THR B 93 -5.31 13.89 18.74
CA THR B 93 -4.50 12.70 18.95
C THR B 93 -4.28 11.90 17.67
N SER B 94 -5.01 12.20 16.61
CA SER B 94 -4.94 11.39 15.40
C SER B 94 -3.63 11.62 14.66
N ARG B 95 -3.17 10.59 13.95
CA ARG B 95 -1.95 10.71 13.18
C ARG B 95 -2.09 11.73 12.05
N VAL B 96 -3.27 11.78 11.42
CA VAL B 96 -3.46 12.71 10.31
C VAL B 96 -3.41 14.16 10.80
N TYR B 97 -3.95 14.43 11.99
CA TYR B 97 -3.85 15.76 12.57
C TYR B 97 -2.39 16.15 12.83
N LYS B 98 -1.63 15.25 13.43
CA LYS B 98 -0.23 15.54 13.73
C LYS B 98 0.59 15.70 12.46
N PHE B 99 0.30 14.89 11.43
CA PHE B 99 0.90 15.08 10.13
C PHE B 99 0.62 16.48 9.59
N CYS B 100 -0.63 16.93 9.71
CA CYS B 100 -1.00 18.25 9.23
C CYS B 100 -0.21 19.35 9.93
N SER B 101 -0.06 19.24 11.26
CA SER B 101 0.64 20.29 12.00
C SER B 101 2.10 20.41 11.57
N LYS B 102 2.71 19.31 11.15
CA LYS B 102 4.08 19.37 10.63
C LYS B 102 4.10 20.15 9.30
N LEU B 103 3.13 19.88 8.42
CA LEU B 103 3.03 20.64 7.18
C LEU B 103 2.84 22.12 7.46
N ALA B 104 1.98 22.46 8.43
CA ALA B 104 1.78 23.85 8.80
C ALA B 104 3.08 24.49 9.26
N GLU B 105 3.86 23.77 10.06
CA GLU B 105 5.16 24.28 10.49
C GLU B 105 6.06 24.57 9.31
N VAL B 106 6.14 23.63 8.37
CA VAL B 106 7.01 23.81 7.20
C VAL B 106 6.55 25.01 6.38
N PHE B 107 5.24 25.10 6.12
CA PHE B 107 4.73 26.17 5.27
C PHE B 107 4.93 27.53 5.93
N GLU B 108 4.75 27.61 7.25
CA GLU B 108 4.90 28.88 7.94
C GLU B 108 6.31 29.41 7.86
N GLN B 109 7.29 28.51 7.78
CA GLN B 109 8.69 28.92 7.73
C GLN B 109 9.21 29.10 6.31
N GLU B 110 8.42 28.76 5.30
CA GLU B 110 8.81 28.91 3.90
C GLU B 110 8.14 30.09 3.21
N ILE B 111 6.96 30.48 3.64
CA ILE B 111 6.09 31.32 2.82
C ILE B 111 6.45 32.81 2.87
N ASP B 112 6.97 33.30 4.00
CA ASP B 112 7.18 34.75 4.15
C ASP B 112 8.07 35.35 3.07
N PRO B 113 9.29 34.86 2.82
CA PRO B 113 10.12 35.50 1.77
C PRO B 113 9.48 35.44 0.39
N VAL B 114 8.81 34.34 0.07
CA VAL B 114 8.18 34.21 -1.24
C VAL B 114 7.07 35.25 -1.40
N MET B 115 6.27 35.46 -0.35
CA MET B 115 5.19 36.45 -0.42
C MET B 115 5.75 37.87 -0.57
N GLN B 116 6.85 38.17 0.11
CA GLN B 116 7.44 39.51 -0.02
C GLN B 116 7.99 39.72 -1.41
N SER B 117 8.63 38.70 -1.99
CA SER B 117 9.18 38.83 -3.33
C SER B 117 8.10 39.03 -4.38
N LEU B 118 6.89 38.52 -4.13
CA LEU B 118 5.77 38.71 -5.05
C LEU B 118 5.18 40.10 -4.99
N GLY B 119 5.41 40.84 -3.90
CA GLY B 119 4.87 42.17 -3.75
C GLY B 119 3.52 42.15 -3.05
N LYS C 5 -12.49 -0.43 -26.46
CA LYS C 5 -11.50 -1.24 -27.18
C LYS C 5 -11.85 -2.72 -27.09
N ILE C 6 -12.10 -3.33 -28.25
CA ILE C 6 -12.49 -4.73 -28.34
C ILE C 6 -11.31 -5.53 -28.85
N PHE C 7 -10.93 -6.56 -28.10
CA PHE C 7 -9.77 -7.39 -28.43
C PHE C 7 -10.25 -8.73 -28.98
N LYS C 8 -9.93 -9.00 -30.24
CA LYS C 8 -10.25 -10.28 -30.84
C LYS C 8 -9.42 -11.39 -30.21
N PRO C 9 -9.96 -12.60 -30.12
CA PRO C 9 -9.16 -13.71 -29.57
C PRO C 9 -7.89 -14.00 -30.36
N GLU C 10 -7.94 -13.89 -31.69
CA GLU C 10 -6.73 -14.10 -32.48
C GLU C 10 -5.76 -12.93 -32.33
N GLU C 11 -6.26 -11.71 -32.19
CA GLU C 11 -5.39 -10.58 -31.95
C GLU C 11 -4.65 -10.74 -30.63
N LEU C 12 -5.37 -11.12 -29.57
CA LEU C 12 -4.72 -11.34 -28.28
C LEU C 12 -3.74 -12.49 -28.35
N ARG C 13 -4.11 -13.57 -29.05
CA ARG C 13 -3.22 -14.72 -29.16
C ARG C 13 -1.95 -14.37 -29.90
N GLN C 14 -2.07 -13.70 -31.05
CA GLN C 14 -0.90 -13.39 -31.88
C GLN C 14 0.07 -12.47 -31.16
N ALA C 15 -0.42 -11.60 -30.27
CA ALA C 15 0.42 -10.64 -29.59
C ALA C 15 1.00 -11.20 -28.30
N LEU C 16 0.21 -11.97 -27.55
CA LEU C 16 0.62 -12.43 -26.22
C LEU C 16 1.37 -13.75 -26.25
N MET C 17 1.06 -14.63 -27.19
CA MET C 17 1.73 -15.94 -27.26
C MET C 17 3.25 -15.85 -27.32
N PRO C 18 3.87 -14.93 -28.06
CA PRO C 18 5.34 -14.84 -28.01
C PRO C 18 5.90 -14.67 -26.60
N THR C 19 5.20 -13.95 -25.71
CA THR C 19 5.67 -13.83 -24.35
C THR C 19 5.55 -15.16 -23.62
N LEU C 20 4.49 -15.91 -23.88
CA LEU C 20 4.35 -17.23 -23.28
C LEU C 20 5.38 -18.20 -23.82
N GLU C 21 5.69 -18.11 -25.12
CA GLU C 21 6.71 -18.97 -25.69
C GLU C 21 8.09 -18.67 -25.10
N ALA C 22 8.36 -17.40 -24.81
CA ALA C 22 9.64 -17.05 -24.19
C ALA C 22 9.79 -17.74 -22.83
N LEU C 23 8.69 -17.94 -22.11
CA LEU C 23 8.76 -18.65 -20.83
C LEU C 23 9.00 -20.15 -21.06
N TYR C 24 8.26 -20.75 -21.99
CA TYR C 24 8.48 -22.15 -22.33
C TYR C 24 9.92 -22.40 -22.76
N ARG C 25 10.51 -21.43 -23.45
CA ARG C 25 11.87 -21.58 -23.96
CA ARG C 25 11.88 -21.55 -23.95
C ARG C 25 12.89 -21.77 -22.83
N GLN C 26 12.55 -21.38 -21.60
CA GLN C 26 13.46 -21.50 -20.47
C GLN C 26 13.50 -22.94 -19.98
N ASP C 27 14.62 -23.61 -20.20
CA ASP C 27 14.81 -24.99 -19.76
C ASP C 27 16.09 -25.01 -18.93
N PRO C 28 16.05 -25.47 -17.67
CA PRO C 28 14.94 -26.16 -16.99
C PRO C 28 14.02 -25.25 -16.17
N GLU C 29 14.12 -23.92 -16.28
CA GLU C 29 13.39 -23.06 -15.35
C GLU C 29 11.88 -23.18 -15.52
N SER C 30 11.41 -23.40 -16.75
CA SER C 30 9.97 -23.52 -16.97
C SER C 30 9.46 -24.94 -16.71
N LEU C 31 10.35 -25.92 -16.60
CA LEU C 31 9.91 -27.31 -16.45
C LEU C 31 8.96 -27.53 -15.27
N PRO C 32 9.15 -26.95 -14.08
CA PRO C 32 8.17 -27.17 -13.00
C PRO C 32 6.80 -26.57 -13.28
N PHE C 33 6.66 -25.72 -14.29
CA PHE C 33 5.43 -24.97 -14.52
C PHE C 33 4.74 -25.35 -15.82
N ARG C 34 5.14 -26.45 -16.46
CA ARG C 34 4.55 -26.84 -17.74
C ARG C 34 3.17 -27.46 -17.57
N GLN C 35 2.90 -28.08 -16.43
CA GLN C 35 1.67 -28.81 -16.18
C GLN C 35 1.11 -28.42 -14.82
N PRO C 36 -0.18 -28.64 -14.59
CA PRO C 36 -0.74 -28.34 -13.26
C PRO C 36 -0.06 -29.14 -12.17
N VAL C 37 0.06 -28.52 -10.99
CA VAL C 37 0.74 -29.15 -9.87
C VAL C 37 -0.07 -30.34 -9.37
N ASP C 38 0.59 -31.49 -9.23
CA ASP C 38 -0.02 -32.67 -8.61
C ASP C 38 0.61 -32.87 -7.24
N PRO C 39 -0.03 -32.40 -6.16
CA PRO C 39 0.59 -32.53 -4.83
C PRO C 39 0.86 -33.97 -4.42
N GLN C 40 0.01 -34.91 -4.84
CA GLN C 40 0.24 -36.31 -4.48
C GLN C 40 1.47 -36.86 -5.18
N LEU C 41 1.65 -36.54 -6.46
CA LEU C 41 2.80 -37.03 -7.20
C LEU C 41 4.10 -36.43 -6.67
N LEU C 42 4.08 -35.15 -6.30
CA LEU C 42 5.26 -34.42 -5.89
C LEU C 42 5.53 -34.53 -4.40
N GLY C 43 4.69 -35.23 -3.65
CA GLY C 43 4.93 -35.40 -2.23
C GLY C 43 4.76 -34.13 -1.41
N ILE C 44 3.84 -33.26 -1.81
CA ILE C 44 3.61 -32.01 -1.09
C ILE C 44 2.12 -31.89 -0.77
N PRO C 45 1.60 -32.69 0.16
CA PRO C 45 0.13 -32.74 0.35
C PRO C 45 -0.48 -31.44 0.85
N ASP C 46 0.31 -30.52 1.38
CA ASP C 46 -0.23 -29.25 1.88
C ASP C 46 -0.27 -28.16 0.82
N TYR C 47 -0.04 -28.50 -0.45
CA TYR C 47 0.06 -27.47 -1.49
C TYR C 47 -1.25 -26.67 -1.61
N PHE C 48 -2.38 -27.37 -1.73
CA PHE C 48 -3.65 -26.69 -1.88
C PHE C 48 -4.09 -25.96 -0.63
N ASP C 49 -3.47 -26.25 0.53
CA ASP C 49 -3.76 -25.46 1.71
C ASP C 49 -3.16 -24.07 1.61
N ILE C 50 -2.09 -23.92 0.83
CA ILE C 50 -1.41 -22.64 0.66
C ILE C 50 -1.78 -21.97 -0.66
N VAL C 51 -1.83 -22.74 -1.74
CA VAL C 51 -2.13 -22.21 -3.08
C VAL C 51 -3.62 -22.43 -3.32
N LYS C 52 -4.40 -21.35 -3.21
CA LYS C 52 -5.85 -21.46 -3.35
C LYS C 52 -6.31 -21.48 -4.81
N ASN C 53 -5.53 -20.90 -5.72
CA ASN C 53 -5.88 -20.81 -7.13
C ASN C 53 -4.70 -21.28 -7.97
N PRO C 54 -4.65 -22.57 -8.31
CA PRO C 54 -3.53 -23.07 -9.12
C PRO C 54 -3.51 -22.44 -10.51
N MET C 55 -2.32 -22.33 -11.06
CA MET C 55 -2.12 -21.78 -12.40
C MET C 55 -0.79 -22.27 -12.93
N ASP C 56 -0.74 -22.56 -14.24
CA ASP C 56 0.47 -23.07 -14.87
C ASP C 56 0.48 -22.64 -16.33
N LEU C 57 1.58 -22.96 -17.00
CA LEU C 57 1.74 -22.54 -18.40
C LEU C 57 0.70 -23.20 -19.30
N SER C 58 0.42 -24.49 -19.09
CA SER C 58 -0.52 -25.18 -19.96
C SER C 58 -1.92 -24.59 -19.85
N THR C 59 -2.33 -24.20 -18.66
CA THR C 59 -3.64 -23.59 -18.48
C THR C 59 -3.71 -22.23 -19.17
N ILE C 60 -2.65 -21.44 -19.07
CA ILE C 60 -2.62 -20.15 -19.74
C ILE C 60 -2.65 -20.33 -21.25
N LYS C 61 -1.89 -21.30 -21.77
CA LYS C 61 -1.90 -21.56 -23.20
C LYS C 61 -3.29 -21.93 -23.67
N ARG C 62 -3.96 -22.82 -22.93
CA ARG C 62 -5.31 -23.24 -23.30
C ARG C 62 -6.26 -22.05 -23.31
N LYS C 63 -6.14 -21.15 -22.33
CA LYS C 63 -7.03 -19.99 -22.27
C LYS C 63 -6.77 -19.04 -23.43
N LEU C 64 -5.51 -18.91 -23.86
CA LEU C 64 -5.22 -18.11 -25.05
C LEU C 64 -5.75 -18.78 -26.31
N ASP C 65 -5.54 -20.09 -26.44
CA ASP C 65 -5.96 -20.80 -27.64
C ASP C 65 -7.48 -20.91 -27.74
N THR C 66 -8.17 -20.93 -26.61
CA THR C 66 -9.62 -21.04 -26.60
C THR C 66 -10.31 -19.69 -26.43
N GLY C 67 -9.56 -18.60 -26.48
CA GLY C 67 -10.14 -17.27 -26.42
C GLY C 67 -10.84 -16.95 -25.13
N GLN C 68 -10.34 -17.46 -24.00
CA GLN C 68 -10.97 -17.18 -22.71
C GLN C 68 -10.52 -15.85 -22.11
N TYR C 69 -9.56 -15.16 -22.72
CA TYR C 69 -9.16 -13.84 -22.28
C TYR C 69 -9.86 -12.78 -23.12
N GLN C 70 -10.53 -11.84 -22.45
CA GLN C 70 -11.21 -10.75 -23.13
C GLN C 70 -10.32 -9.51 -23.22
N GLU C 71 -9.51 -9.27 -22.21
CA GLU C 71 -8.58 -8.14 -22.16
C GLU C 71 -7.18 -8.66 -21.88
N PRO C 72 -6.15 -7.98 -22.39
CA PRO C 72 -4.78 -8.48 -22.18
C PRO C 72 -4.36 -8.52 -20.71
N TRP C 73 -4.92 -7.66 -19.85
CA TRP C 73 -4.52 -7.69 -18.45
C TRP C 73 -4.93 -8.99 -17.77
N GLN C 74 -5.97 -9.66 -18.27
CA GLN C 74 -6.36 -10.94 -17.69
C GLN C 74 -5.29 -11.99 -17.90
N TYR C 75 -4.61 -11.95 -19.06
CA TYR C 75 -3.50 -12.86 -19.29
C TYR C 75 -2.35 -12.56 -18.33
N VAL C 76 -2.04 -11.28 -18.15
CA VAL C 76 -0.95 -10.87 -17.26
C VAL C 76 -1.25 -11.32 -15.82
N ASP C 77 -2.51 -11.23 -15.40
CA ASP C 77 -2.87 -11.64 -14.04
C ASP C 77 -2.60 -13.13 -13.82
N ASP C 78 -2.94 -13.96 -14.81
CA ASP C 78 -2.69 -15.40 -14.67
C ASP C 78 -1.20 -15.71 -14.58
N VAL C 79 -0.38 -14.97 -15.33
CA VAL C 79 1.06 -15.18 -15.27
C VAL C 79 1.60 -14.81 -13.89
N TRP C 80 1.15 -13.70 -13.33
CA TRP C 80 1.62 -13.30 -12.01
C TRP C 80 1.04 -14.20 -10.92
N LEU C 81 -0.15 -14.75 -11.12
CA LEU C 81 -0.68 -15.73 -10.18
C LEU C 81 0.20 -16.98 -10.14
N MET C 82 0.63 -17.46 -11.32
CA MET C 82 1.56 -18.59 -11.35
C MET C 82 2.86 -18.26 -10.64
N PHE C 83 3.38 -17.04 -10.86
CA PHE C 83 4.61 -16.63 -10.19
C PHE C 83 4.43 -16.61 -8.67
N ASN C 84 3.35 -16.00 -8.19
CA ASN C 84 3.17 -15.85 -6.76
C ASN C 84 2.97 -17.20 -6.07
N ASN C 85 2.26 -18.13 -6.72
CA ASN C 85 2.10 -19.45 -6.15
C ASN C 85 3.44 -20.10 -5.84
N ALA C 86 4.41 -19.99 -6.77
CA ALA C 86 5.71 -20.57 -6.54
C ALA C 86 6.49 -19.79 -5.50
N TRP C 87 6.40 -18.46 -5.52
CA TRP C 87 7.07 -17.64 -4.51
C TRP C 87 6.47 -17.86 -3.14
N LEU C 88 5.17 -18.10 -3.07
CA LEU C 88 4.51 -18.27 -1.77
C LEU C 88 4.78 -19.64 -1.18
N TYR C 89 4.65 -20.70 -1.99
CA TYR C 89 4.79 -22.05 -1.44
C TYR C 89 6.23 -22.43 -1.15
N ASN C 90 7.19 -21.97 -1.95
CA ASN C 90 8.57 -22.38 -1.83
C ASN C 90 9.40 -21.35 -1.07
N ARG C 91 10.48 -21.82 -0.45
CA ARG C 91 11.38 -20.94 0.26
CA ARG C 91 11.38 -20.94 0.26
C ARG C 91 12.34 -20.25 -0.71
N LYS C 92 12.87 -19.11 -0.27
CA LYS C 92 13.74 -18.31 -1.13
C LYS C 92 14.95 -19.10 -1.60
N THR C 93 15.40 -20.09 -0.81
CA THR C 93 16.57 -20.88 -1.14
C THR C 93 16.25 -22.06 -2.04
N SER C 94 14.99 -22.41 -2.21
CA SER C 94 14.65 -23.60 -2.99
C SER C 94 14.89 -23.36 -4.48
N ARG C 95 15.07 -24.47 -5.21
CA ARG C 95 15.36 -24.37 -6.63
C ARG C 95 14.13 -23.92 -7.41
N VAL C 96 12.94 -24.38 -7.01
CA VAL C 96 11.72 -24.01 -7.71
C VAL C 96 11.46 -22.51 -7.56
N TYR C 97 11.76 -21.95 -6.39
CA TYR C 97 11.66 -20.49 -6.22
C TYR C 97 12.60 -19.78 -7.17
N LYS C 98 13.86 -20.22 -7.22
CA LYS C 98 14.83 -19.62 -8.13
CA LYS C 98 14.83 -19.62 -8.13
C LYS C 98 14.40 -19.78 -9.59
N PHE C 99 13.85 -20.95 -9.93
CA PHE C 99 13.35 -21.16 -11.28
C PHE C 99 12.26 -20.15 -11.62
N CYS C 100 11.33 -19.93 -10.67
CA CYS C 100 10.25 -18.98 -10.90
C CYS C 100 10.79 -17.57 -11.13
N SER C 101 11.78 -17.16 -10.33
CA SER C 101 12.33 -15.81 -10.47
C SER C 101 12.97 -15.59 -11.83
N LYS C 102 13.53 -16.65 -12.43
CA LYS C 102 14.07 -16.53 -13.78
C LYS C 102 12.95 -16.28 -14.78
N LEU C 103 11.82 -17.00 -14.65
CA LEU C 103 10.67 -16.77 -15.51
C LEU C 103 10.15 -15.34 -15.36
N ALA C 104 10.03 -14.87 -14.11
CA ALA C 104 9.57 -13.50 -13.88
C ALA C 104 10.51 -12.50 -14.54
N GLU C 105 11.81 -12.72 -14.45
CA GLU C 105 12.78 -11.85 -15.09
C GLU C 105 12.54 -11.78 -16.60
N VAL C 106 12.37 -12.95 -17.23
CA VAL C 106 12.14 -12.98 -18.67
C VAL C 106 10.83 -12.28 -19.01
N PHE C 107 9.76 -12.58 -18.26
CA PHE C 107 8.45 -12.01 -18.55
C PHE C 107 8.44 -10.51 -18.36
N GLU C 108 9.15 -10.01 -17.35
CA GLU C 108 9.15 -8.56 -17.10
C GLU C 108 9.81 -7.80 -18.24
N GLN C 109 10.77 -8.41 -18.93
CA GLN C 109 11.46 -7.74 -20.02
C GLN C 109 10.78 -7.92 -21.37
N GLU C 110 9.79 -8.80 -21.46
CA GLU C 110 9.08 -9.03 -22.72
C GLU C 110 7.70 -8.42 -22.76
N ILE C 111 7.03 -8.28 -21.62
CA ILE C 111 5.60 -7.97 -21.62
C ILE C 111 5.34 -6.49 -21.87
N ASP C 112 6.24 -5.60 -21.41
CA ASP C 112 5.99 -4.17 -21.50
C ASP C 112 5.74 -3.69 -22.93
N PRO C 113 6.63 -3.94 -23.91
CA PRO C 113 6.31 -3.50 -25.28
C PRO C 113 5.07 -4.16 -25.85
N VAL C 114 4.84 -5.43 -25.54
CA VAL C 114 3.64 -6.12 -26.05
C VAL C 114 2.38 -5.47 -25.51
N MET C 115 2.38 -5.10 -24.22
CA MET C 115 1.22 -4.42 -23.66
C MET C 115 1.00 -3.05 -24.31
N GLN C 116 2.09 -2.40 -24.74
CA GLN C 116 1.96 -1.04 -25.26
C GLN C 116 1.29 -1.02 -26.62
N SER C 117 1.65 -1.94 -27.52
CA SER C 117 1.06 -1.89 -28.85
C SER C 117 -0.39 -2.38 -28.84
N LEU C 118 -0.71 -3.33 -27.96
CA LEU C 118 -2.09 -3.79 -27.82
C LEU C 118 -3.01 -2.63 -27.47
N GLY C 119 -2.54 -1.68 -26.67
CA GLY C 119 -3.34 -0.54 -26.28
C GLY C 119 -4.31 -0.84 -25.16
N LYS D 4 -32.21 42.48 40.83
CA LYS D 4 -33.09 42.94 39.75
C LYS D 4 -33.69 41.75 39.01
N LYS D 5 -34.01 41.95 37.73
CA LYS D 5 -34.51 40.86 36.90
C LYS D 5 -33.42 39.81 36.72
N ILE D 6 -33.70 38.59 37.17
CA ILE D 6 -32.73 37.50 37.11
C ILE D 6 -32.96 36.73 35.82
N PHE D 7 -31.98 36.76 34.92
CA PHE D 7 -32.07 35.99 33.67
C PHE D 7 -31.61 34.55 33.95
N LYS D 8 -32.52 33.60 33.75
CA LYS D 8 -32.19 32.20 33.99
C LYS D 8 -31.20 31.70 32.94
N PRO D 9 -30.39 30.70 33.29
CA PRO D 9 -29.45 30.15 32.29
C PRO D 9 -30.16 29.56 31.08
N GLU D 10 -31.22 28.79 31.29
CA GLU D 10 -31.96 28.25 30.15
C GLU D 10 -32.67 29.34 29.37
N GLU D 11 -33.15 30.38 30.06
CA GLU D 11 -33.75 31.51 29.35
C GLU D 11 -32.72 32.19 28.46
N LEU D 12 -31.52 32.44 29.00
CA LEU D 12 -30.47 33.05 28.20
C LEU D 12 -30.04 32.11 27.07
N ARG D 13 -29.97 30.82 27.36
CA ARG D 13 -29.53 29.85 26.36
C ARG D 13 -30.58 29.69 25.27
N GLN D 14 -31.86 29.67 25.63
CA GLN D 14 -32.91 29.49 24.64
C GLN D 14 -32.99 30.66 23.67
N ALA D 15 -32.70 31.87 24.12
CA ALA D 15 -32.82 33.06 23.28
C ALA D 15 -31.54 33.37 22.53
N LEU D 16 -30.38 33.22 23.17
CA LEU D 16 -29.12 33.66 22.60
C LEU D 16 -28.45 32.60 21.73
N MET D 17 -28.61 31.31 22.06
CA MET D 17 -27.97 30.26 21.29
C MET D 17 -28.28 30.32 19.79
N PRO D 18 -29.50 30.57 19.33
CA PRO D 18 -29.73 30.68 17.87
C PRO D 18 -28.82 31.67 17.18
N THR D 19 -28.47 32.79 17.84
CA THR D 19 -27.56 33.73 17.21
C THR D 19 -26.16 33.14 17.10
N LEU D 20 -25.73 32.38 18.11
CA LEU D 20 -24.42 31.73 18.04
C LEU D 20 -24.40 30.66 16.97
N GLU D 21 -25.47 29.87 16.86
CA GLU D 21 -25.54 28.85 15.82
C GLU D 21 -25.50 29.46 14.43
N ALA D 22 -25.99 30.70 14.29
CA ALA D 22 -25.91 31.37 13.00
C ALA D 22 -24.48 31.69 12.63
N LEU D 23 -23.61 31.94 13.61
CA LEU D 23 -22.20 32.17 13.31
C LEU D 23 -21.51 30.87 12.92
N TYR D 24 -21.75 29.80 13.68
CA TYR D 24 -21.18 28.49 13.34
C TYR D 24 -21.56 28.08 11.93
N ARG D 25 -22.79 28.44 11.52
CA ARG D 25 -23.27 28.07 10.18
CA ARG D 25 -23.27 28.08 10.18
C ARG D 25 -22.37 28.63 9.08
N GLN D 26 -21.74 29.77 9.33
CA GLN D 26 -20.92 30.43 8.32
C GLN D 26 -19.65 29.64 8.08
N ASP D 27 -19.54 29.00 6.92
CA ASP D 27 -18.39 28.21 6.54
C ASP D 27 -17.90 28.75 5.20
N PRO D 28 -16.64 29.18 5.08
CA PRO D 28 -15.54 29.03 6.04
C PRO D 28 -15.32 30.21 6.98
N GLU D 29 -16.23 31.18 7.05
CA GLU D 29 -15.94 32.40 7.78
C GLU D 29 -15.78 32.17 9.29
N SER D 30 -16.53 31.22 9.85
CA SER D 30 -16.41 30.94 11.28
C SER D 30 -15.27 29.99 11.61
N LEU D 31 -14.70 29.32 10.60
CA LEU D 31 -13.68 28.31 10.86
C LEU D 31 -12.49 28.80 11.67
N PRO D 32 -11.92 30.00 11.44
CA PRO D 32 -10.80 30.45 12.28
C PRO D 32 -11.19 30.71 13.72
N PHE D 33 -12.48 30.74 14.03
CA PHE D 33 -12.94 31.16 15.36
C PHE D 33 -13.64 30.04 16.12
N ARG D 34 -13.54 28.80 15.65
CA ARG D 34 -14.21 27.68 16.30
C ARG D 34 -13.50 27.24 17.57
N GLN D 35 -12.19 27.41 17.65
CA GLN D 35 -11.38 26.95 18.76
C GLN D 35 -10.49 28.09 19.24
N PRO D 36 -10.00 28.01 20.48
CA PRO D 36 -9.07 29.04 20.96
C PRO D 36 -7.82 29.10 20.10
N VAL D 37 -7.30 30.31 19.94
CA VAL D 37 -6.12 30.53 19.10
C VAL D 37 -4.91 29.88 19.74
N ASP D 38 -4.17 29.10 18.95
CA ASP D 38 -2.90 28.51 19.35
C ASP D 38 -1.78 29.23 18.61
N PRO D 39 -1.14 30.23 19.20
CA PRO D 39 -0.09 30.98 18.48
C PRO D 39 1.08 30.13 18.03
N GLN D 40 1.36 29.03 18.74
CA GLN D 40 2.46 28.16 18.32
C GLN D 40 2.08 27.37 17.07
N LEU D 41 0.86 26.84 17.04
CA LEU D 41 0.42 26.06 15.89
C LEU D 41 0.32 26.93 14.64
N LEU D 42 -0.17 28.16 14.80
CA LEU D 42 -0.45 29.05 13.69
C LEU D 42 0.75 29.90 13.28
N GLY D 43 1.87 29.80 13.99
CA GLY D 43 3.04 30.58 13.64
C GLY D 43 2.90 32.07 13.88
N ILE D 44 2.17 32.46 14.91
CA ILE D 44 1.96 33.88 15.22
C ILE D 44 2.36 34.13 16.68
N PRO D 45 3.65 34.09 17.00
CA PRO D 45 4.06 34.12 18.42
C PRO D 45 3.75 35.43 19.14
N ASP D 46 3.48 36.51 18.43
CA ASP D 46 3.18 37.79 19.07
C ASP D 46 1.70 37.99 19.33
N TYR D 47 0.88 36.94 19.15
CA TYR D 47 -0.55 37.10 19.25
C TYR D 47 -0.96 37.58 20.64
N PHE D 48 -0.48 36.90 21.68
CA PHE D 48 -0.86 37.26 23.05
C PHE D 48 -0.27 38.60 23.49
N ASP D 49 0.74 39.12 22.78
CA ASP D 49 1.24 40.45 23.11
C ASP D 49 0.26 41.53 22.66
N ILE D 50 -0.56 41.23 21.66
CA ILE D 50 -1.53 42.20 21.14
C ILE D 50 -2.93 41.93 21.66
N VAL D 51 -3.33 40.66 21.74
CA VAL D 51 -4.65 40.27 22.20
C VAL D 51 -4.52 39.92 23.68
N LYS D 52 -4.97 40.83 24.55
CA LYS D 52 -4.86 40.57 25.99
C LYS D 52 -5.92 39.61 26.48
N ASN D 53 -7.08 39.56 25.82
CA ASN D 53 -8.19 38.73 26.27
C ASN D 53 -8.72 37.91 25.11
N PRO D 54 -8.17 36.71 24.90
CA PRO D 54 -8.64 35.85 23.81
C PRO D 54 -10.09 35.42 24.03
N MET D 55 -10.78 35.18 22.92
CA MET D 55 -12.18 34.75 22.95
C MET D 55 -12.49 34.05 21.63
N ASP D 56 -13.31 33.01 21.70
CA ASP D 56 -13.67 32.26 20.51
C ASP D 56 -15.06 31.65 20.70
N LEU D 57 -15.55 31.02 19.63
CA LEU D 57 -16.90 30.47 19.65
C LEU D 57 -17.05 29.36 20.68
N SER D 58 -16.06 28.47 20.78
CA SER D 58 -16.15 27.36 21.73
C SER D 58 -16.22 27.86 23.16
N THR D 59 -15.46 28.91 23.49
CA THR D 59 -15.51 29.47 24.83
C THR D 59 -16.86 30.13 25.09
N ILE D 60 -17.39 30.85 24.11
CA ILE D 60 -18.71 31.47 24.28
C ILE D 60 -19.79 30.41 24.41
N LYS D 61 -19.73 29.37 23.59
CA LYS D 61 -20.71 28.29 23.70
C LYS D 61 -20.63 27.61 25.07
N ARG D 62 -19.41 27.39 25.57
CA ARG D 62 -19.25 26.76 26.88
CA ARG D 62 -19.25 26.76 26.88
C ARG D 62 -19.84 27.62 27.99
N LYS D 63 -19.67 28.94 27.90
CA LYS D 63 -20.21 29.82 28.93
C LYS D 63 -21.74 29.83 28.90
N LEU D 64 -22.33 29.75 27.70
CA LEU D 64 -23.78 29.62 27.61
C LEU D 64 -24.25 28.27 28.13
N ASP D 65 -23.54 27.20 27.77
CA ASP D 65 -23.96 25.86 28.17
C ASP D 65 -23.83 25.64 29.66
N THR D 66 -22.86 26.30 30.30
CA THR D 66 -22.64 26.16 31.74
C THR D 66 -23.25 27.30 32.53
N GLY D 67 -24.01 28.18 31.88
CA GLY D 67 -24.67 29.26 32.60
C GLY D 67 -23.73 30.25 33.25
N GLN D 68 -22.59 30.53 32.61
CA GLN D 68 -21.66 31.49 33.20
C GLN D 68 -22.03 32.93 32.89
N TYR D 69 -23.03 33.15 32.05
CA TYR D 69 -23.55 34.49 31.78
C TYR D 69 -24.75 34.75 32.67
N GLN D 70 -24.74 35.88 33.36
CA GLN D 70 -25.85 36.28 34.21
C GLN D 70 -26.79 37.27 33.55
N GLU D 71 -26.31 38.02 32.57
CA GLU D 71 -27.08 38.98 31.80
C GLU D 71 -26.80 38.79 30.32
N PRO D 72 -27.78 39.08 29.45
CA PRO D 72 -27.56 38.84 28.01
C PRO D 72 -26.47 39.72 27.42
N TRP D 73 -26.23 40.91 27.97
CA TRP D 73 -25.19 41.77 27.40
CA TRP D 73 -25.19 41.78 27.41
C TRP D 73 -23.79 41.21 27.62
N GLN D 74 -23.60 40.34 28.61
CA GLN D 74 -22.30 39.71 28.80
C GLN D 74 -21.98 38.80 27.61
N TYR D 75 -22.98 38.13 27.06
CA TYR D 75 -22.79 37.31 25.88
C TYR D 75 -22.41 38.17 24.68
N VAL D 76 -23.12 39.28 24.48
CA VAL D 76 -22.82 40.17 23.35
C VAL D 76 -21.41 40.73 23.46
N ASP D 77 -20.99 41.07 24.69
CA ASP D 77 -19.64 41.60 24.90
C ASP D 77 -18.57 40.60 24.48
N ASP D 78 -18.76 39.32 24.82
CA ASP D 78 -17.78 38.30 24.43
C ASP D 78 -17.71 38.14 22.92
N VAL D 79 -18.85 38.26 22.24
CA VAL D 79 -18.85 38.16 20.78
C VAL D 79 -18.07 39.32 20.16
N TRP D 80 -18.28 40.53 20.66
CA TRP D 80 -17.56 41.68 20.11
C TRP D 80 -16.09 41.66 20.49
N LEU D 81 -15.76 41.07 21.64
CA LEU D 81 -14.36 40.89 21.99
C LEU D 81 -13.67 39.97 20.99
N MET D 82 -14.33 38.88 20.61
CA MET D 82 -13.79 38.00 19.58
C MET D 82 -13.63 38.72 18.25
N PHE D 83 -14.61 39.54 17.87
CA PHE D 83 -14.51 40.29 16.62
C PHE D 83 -13.33 41.24 16.66
N ASN D 84 -13.19 41.99 17.76
CA ASN D 84 -12.14 43.01 17.84
C ASN D 84 -10.75 42.39 17.85
N ASN D 85 -10.59 41.24 18.51
CA ASN D 85 -9.31 40.55 18.49
C ASN D 85 -8.85 40.28 17.07
N ALA D 86 -9.76 39.81 16.21
CA ALA D 86 -9.39 39.55 14.82
C ALA D 86 -9.16 40.84 14.05
N TRP D 87 -9.99 41.85 14.30
CA TRP D 87 -9.80 43.15 13.63
C TRP D 87 -8.51 43.83 14.09
N LEU D 88 -8.13 43.67 15.35
CA LEU D 88 -6.95 44.33 15.87
C LEU D 88 -5.66 43.63 15.43
N TYR D 89 -5.64 42.30 15.51
CA TYR D 89 -4.40 41.58 15.21
C TYR D 89 -4.12 41.50 13.71
N ASN D 90 -5.16 41.38 12.89
CA ASN D 90 -5.00 41.18 11.45
C ASN D 90 -5.17 42.50 10.70
N ARG D 91 -4.53 42.57 9.53
CA ARG D 91 -4.71 43.71 8.63
C ARG D 91 -6.02 43.57 7.86
N LYS D 92 -6.48 44.69 7.32
CA LYS D 92 -7.77 44.70 6.61
C LYS D 92 -7.74 43.83 5.36
N THR D 93 -6.55 43.62 4.76
CA THR D 93 -6.43 42.80 3.57
C THR D 93 -6.30 41.31 3.88
N SER D 94 -6.15 40.95 5.16
CA SER D 94 -6.02 39.54 5.51
CA SER D 94 -6.03 39.55 5.55
C SER D 94 -7.35 38.81 5.40
N ARG D 95 -7.28 37.54 5.03
CA ARG D 95 -8.49 36.74 4.87
C ARG D 95 -9.22 36.57 6.20
N VAL D 96 -8.46 36.42 7.30
CA VAL D 96 -9.09 36.25 8.61
C VAL D 96 -9.87 37.50 9.00
N TYR D 97 -9.35 38.67 8.66
CA TYR D 97 -10.09 39.91 8.90
C TYR D 97 -11.39 39.92 8.12
N LYS D 98 -11.32 39.59 6.82
CA LYS D 98 -12.52 39.55 6.00
C LYS D 98 -13.50 38.49 6.49
N PHE D 99 -12.98 37.37 6.99
CA PHE D 99 -13.84 36.36 7.61
C PHE D 99 -14.58 36.93 8.81
N CYS D 100 -13.84 37.65 9.68
CA CYS D 100 -14.46 38.24 10.86
C CYS D 100 -15.54 39.24 10.49
N SER D 101 -15.28 40.09 9.50
CA SER D 101 -16.27 41.10 9.12
C SER D 101 -17.56 40.46 8.62
N LYS D 102 -17.45 39.30 7.97
CA LYS D 102 -18.65 38.57 7.56
C LYS D 102 -19.42 38.06 8.76
N LEU D 103 -18.71 37.52 9.75
CA LEU D 103 -19.38 37.09 10.98
C LEU D 103 -20.07 38.24 11.68
N ALA D 104 -19.40 39.39 11.77
CA ALA D 104 -20.01 40.56 12.41
C ALA D 104 -21.28 40.97 11.68
N GLU D 105 -21.24 40.99 10.35
CA GLU D 105 -22.43 41.34 9.58
C GLU D 105 -23.59 40.40 9.88
N VAL D 106 -23.31 39.09 9.92
CA VAL D 106 -24.36 38.11 10.24
C VAL D 106 -24.88 38.35 11.65
N PHE D 107 -23.97 38.56 12.60
CA PHE D 107 -24.38 38.75 13.99
C PHE D 107 -25.19 40.03 14.17
N GLU D 108 -24.83 41.09 13.45
CA GLU D 108 -25.54 42.36 13.59
C GLU D 108 -27.00 42.25 13.16
N GLN D 109 -27.31 41.37 12.21
CA GLN D 109 -28.68 41.21 11.76
C GLN D 109 -29.49 40.24 12.61
N GLU D 110 -28.83 39.40 13.41
CA GLU D 110 -29.52 38.43 14.23
C GLU D 110 -29.79 38.91 15.66
N ILE D 111 -28.94 39.80 16.18
CA ILE D 111 -28.95 40.07 17.61
C ILE D 111 -30.03 41.07 18.01
N ASP D 112 -30.39 42.01 17.13
CA ASP D 112 -31.32 43.07 17.52
C ASP D 112 -32.66 42.55 18.03
N PRO D 113 -33.41 41.73 17.28
CA PRO D 113 -34.70 41.25 17.82
C PRO D 113 -34.55 40.41 19.08
N VAL D 114 -33.50 39.59 19.17
CA VAL D 114 -33.30 38.75 20.35
C VAL D 114 -33.08 39.60 21.59
N MET D 115 -32.28 40.66 21.48
CA MET D 115 -32.03 41.53 22.63
C MET D 115 -33.31 42.23 23.08
N GLN D 116 -34.06 42.79 22.12
CA GLN D 116 -35.28 43.52 22.46
C GLN D 116 -36.28 42.61 23.16
N SER D 117 -36.36 41.36 22.73
CA SER D 117 -37.31 40.42 23.34
C SER D 117 -36.95 40.13 24.80
N LEU D 118 -35.67 40.05 25.11
CA LEU D 118 -35.23 39.76 26.48
C LEU D 118 -35.45 40.95 27.42
N GLY D 119 -35.48 42.15 26.86
CA GLY D 119 -35.67 43.35 27.65
N LYS E 5 2.44 82.29 24.00
CA LYS E 5 3.59 81.41 23.78
C LYS E 5 3.47 80.65 22.46
N ILE E 6 4.56 80.66 21.69
CA ILE E 6 4.63 79.87 20.47
C ILE E 6 5.07 78.45 20.82
N PHE E 7 4.28 77.46 20.42
CA PHE E 7 4.55 76.07 20.75
C PHE E 7 5.09 75.36 19.51
N LYS E 8 6.30 74.81 19.63
CA LYS E 8 6.85 74.00 18.56
C LYS E 8 6.14 72.66 18.51
N PRO E 9 5.99 72.08 17.31
CA PRO E 9 5.38 70.74 17.20
C PRO E 9 6.07 69.70 18.08
N GLU E 10 7.41 69.74 18.15
CA GLU E 10 8.13 68.76 18.95
C GLU E 10 7.86 68.97 20.44
N GLU E 11 7.91 70.22 20.90
CA GLU E 11 7.56 70.53 22.28
C GLU E 11 6.19 69.98 22.65
N LEU E 12 5.20 70.18 21.77
CA LEU E 12 3.86 69.68 22.02
C LEU E 12 3.81 68.16 22.07
N ARG E 13 4.51 67.50 21.15
N ARG E 13 4.54 67.50 21.16
CA ARG E 13 4.51 66.03 21.12
CA ARG E 13 4.51 66.03 21.11
C ARG E 13 5.03 65.45 22.44
C ARG E 13 5.04 65.44 22.41
N GLN E 14 6.19 65.91 22.88
CA GLN E 14 6.81 65.34 24.07
C GLN E 14 5.92 65.49 25.31
N ALA E 15 5.12 66.55 25.37
CA ALA E 15 4.27 66.78 26.53
C ALA E 15 2.93 66.06 26.42
N LEU E 16 2.32 66.06 25.24
CA LEU E 16 0.96 65.56 25.07
C LEU E 16 0.89 64.07 24.75
N MET E 17 1.86 63.54 23.99
CA MET E 17 1.83 62.13 23.63
C MET E 17 1.75 61.20 24.84
N PRO E 18 2.46 61.44 25.94
CA PRO E 18 2.28 60.58 27.13
C PRO E 18 0.83 60.49 27.60
N THR E 19 0.07 61.58 27.50
CA THR E 19 -1.34 61.51 27.88
C THR E 19 -2.13 60.65 26.92
N LEU E 20 -1.81 60.72 25.62
CA LEU E 20 -2.49 59.88 24.64
C LEU E 20 -2.14 58.40 24.83
N GLU E 21 -0.88 58.12 25.15
CA GLU E 21 -0.47 56.74 25.38
C GLU E 21 -1.14 56.16 26.63
N ALA E 22 -1.43 57.01 27.62
CA ALA E 22 -2.18 56.54 28.79
C ALA E 22 -3.56 56.05 28.39
N LEU E 23 -4.16 56.64 27.35
CA LEU E 23 -5.45 56.17 26.87
C LEU E 23 -5.29 54.84 26.14
N TYR E 24 -4.30 54.74 25.26
CA TYR E 24 -4.04 53.49 24.55
C TYR E 24 -3.82 52.33 25.51
N ARG E 25 -3.18 52.59 26.65
CA ARG E 25 -2.90 51.51 27.60
CA ARG E 25 -2.91 51.51 27.60
C ARG E 25 -4.17 50.91 28.19
N GLN E 26 -5.29 51.61 28.13
CA GLN E 26 -6.55 51.09 28.66
C GLN E 26 -7.08 50.00 27.73
N ASP E 27 -7.00 48.75 28.17
CA ASP E 27 -7.49 47.60 27.41
C ASP E 27 -8.46 46.86 28.31
N PRO E 28 -9.72 46.66 27.89
CA PRO E 28 -10.28 46.91 26.56
C PRO E 28 -10.94 48.27 26.36
N GLU E 29 -10.79 49.22 27.29
CA GLU E 29 -11.59 50.45 27.24
C GLU E 29 -11.27 51.31 26.02
N SER E 30 -10.01 51.34 25.58
CA SER E 30 -9.63 52.15 24.44
C SER E 30 -9.86 51.44 23.11
N LEU E 31 -10.12 50.14 23.12
CA LEU E 31 -10.24 49.38 21.89
C LEU E 31 -11.28 49.93 20.92
N PRO E 32 -12.48 50.35 21.33
CA PRO E 32 -13.43 50.90 20.35
C PRO E 32 -12.97 52.21 19.73
N PHE E 33 -11.92 52.83 20.26
CA PHE E 33 -11.52 54.17 19.85
C PHE E 33 -10.16 54.20 19.19
N ARG E 34 -9.61 53.04 18.82
CA ARG E 34 -8.28 52.97 18.23
C ARG E 34 -8.26 53.38 16.76
N GLN E 35 -9.39 53.24 16.07
CA GLN E 35 -9.47 53.47 14.63
CA GLN E 35 -9.46 53.48 14.64
C GLN E 35 -10.74 54.23 14.33
N PRO E 36 -10.81 54.92 13.18
CA PRO E 36 -12.04 55.64 12.83
C PRO E 36 -13.22 54.68 12.69
N VAL E 37 -14.39 55.18 13.09
CA VAL E 37 -15.60 54.37 13.08
C VAL E 37 -16.00 54.05 11.65
N ASP E 38 -16.25 52.76 11.39
CA ASP E 38 -16.80 52.31 10.11
C ASP E 38 -18.25 51.92 10.34
N PRO E 39 -19.21 52.81 10.07
CA PRO E 39 -20.61 52.48 10.38
C PRO E 39 -21.13 51.24 9.69
N GLN E 40 -20.72 50.99 8.44
CA GLN E 40 -21.14 49.77 7.76
C GLN E 40 -20.59 48.53 8.45
N LEU E 41 -19.31 48.56 8.82
CA LEU E 41 -18.69 47.40 9.45
C LEU E 41 -19.34 47.09 10.79
N LEU E 42 -19.67 48.13 11.56
CA LEU E 42 -20.20 47.98 12.90
C LEU E 42 -21.72 47.86 12.94
N GLY E 43 -22.39 47.94 11.79
CA GLY E 43 -23.83 47.83 11.77
C GLY E 43 -24.56 49.01 12.38
N ILE E 44 -24.01 50.21 12.26
CA ILE E 44 -24.63 51.42 12.81
C ILE E 44 -24.74 52.46 11.71
N PRO E 45 -25.62 52.26 10.72
CA PRO E 45 -25.61 53.15 9.54
C PRO E 45 -25.99 54.59 9.83
N ASP E 46 -26.61 54.88 10.97
CA ASP E 46 -27.01 56.24 11.31
C ASP E 46 -25.93 57.01 12.07
N TYR E 47 -24.70 56.45 12.16
CA TYR E 47 -23.67 57.08 12.96
C TYR E 47 -23.32 58.47 12.44
N PHE E 48 -23.03 58.59 11.15
CA PHE E 48 -22.64 59.89 10.62
C PHE E 48 -23.79 60.88 10.60
N ASP E 49 -25.03 60.41 10.74
CA ASP E 49 -26.16 61.32 10.90
C ASP E 49 -26.18 61.95 12.27
N ILE E 50 -25.59 61.28 13.27
CA ILE E 50 -25.57 61.77 14.64
C ILE E 50 -24.23 62.41 14.98
N VAL E 51 -23.13 61.79 14.54
CA VAL E 51 -21.78 62.27 14.80
C VAL E 51 -21.34 63.08 13.59
N LYS E 52 -21.32 64.41 13.73
CA LYS E 52 -21.03 65.30 12.62
C LYS E 52 -19.53 65.36 12.33
N ASN E 53 -18.69 65.18 13.36
CA ASN E 53 -17.24 65.30 13.25
C ASN E 53 -16.60 64.10 13.92
N PRO E 54 -16.36 63.02 13.18
CA PRO E 54 -15.75 61.84 13.77
C PRO E 54 -14.34 62.13 14.28
N MET E 55 -13.93 61.40 15.32
CA MET E 55 -12.62 61.57 15.91
C MET E 55 -12.24 60.29 16.63
N ASP E 56 -10.95 59.94 16.57
CA ASP E 56 -10.45 58.73 17.20
C ASP E 56 -9.00 58.93 17.59
N LEU E 57 -8.45 57.94 18.29
CA LEU E 57 -7.09 58.04 18.80
C LEU E 57 -6.06 58.12 17.67
N SER E 58 -6.25 57.32 16.62
CA SER E 58 -5.28 57.29 15.53
C SER E 58 -5.20 58.65 14.83
N THR E 59 -6.34 59.31 14.64
CA THR E 59 -6.33 60.64 14.03
C THR E 59 -5.64 61.66 14.93
N ILE E 60 -5.89 61.58 16.24
CA ILE E 60 -5.22 62.45 17.19
C ILE E 60 -3.73 62.15 17.20
N LYS E 61 -3.35 60.87 17.17
CA LYS E 61 -1.94 60.49 17.11
C LYS E 61 -1.28 61.07 15.87
N ARG E 62 -1.97 61.01 14.73
CA ARG E 62 -1.37 61.47 13.49
C ARG E 62 -1.21 62.98 13.50
N LYS E 63 -2.20 63.71 14.02
CA LYS E 63 -2.09 65.17 14.07
C LYS E 63 -0.94 65.60 14.98
N LEU E 64 -0.70 64.86 16.06
CA LEU E 64 0.44 65.13 16.90
C LEU E 64 1.75 64.81 16.18
N ASP E 65 1.81 63.66 15.51
CA ASP E 65 3.03 63.25 14.83
C ASP E 65 3.35 64.14 13.64
N THR E 66 2.34 64.72 13.00
CA THR E 66 2.53 65.60 11.85
C THR E 66 2.51 67.07 12.24
N GLY E 67 2.48 67.37 13.54
CA GLY E 67 2.53 68.75 13.99
C GLY E 67 1.38 69.60 13.55
N GLN E 68 0.17 69.04 13.44
CA GLN E 68 -0.98 69.82 13.02
C GLN E 68 -1.61 70.62 14.14
N TYR E 69 -1.15 70.48 15.38
CA TYR E 69 -1.61 71.30 16.48
C TYR E 69 -0.63 72.44 16.72
N GLN E 70 -1.14 73.66 16.81
CA GLN E 70 -0.32 74.84 17.09
C GLN E 70 -0.30 75.20 18.57
N GLU E 71 -1.45 75.14 19.25
CA GLU E 71 -1.56 75.29 20.69
C GLU E 71 -2.01 73.97 21.31
N PRO E 72 -1.68 73.72 22.59
CA PRO E 72 -2.03 72.41 23.18
C PRO E 72 -3.53 72.20 23.37
N TRP E 73 -4.31 73.26 23.53
CA TRP E 73 -5.76 73.09 23.70
C TRP E 73 -6.43 72.53 22.45
N GLN E 74 -5.80 72.67 21.28
CA GLN E 74 -6.31 72.00 20.09
C GLN E 74 -6.31 70.48 20.28
N TYR E 75 -5.28 69.94 20.93
CA TYR E 75 -5.25 68.51 21.24
C TYR E 75 -6.36 68.13 22.22
N VAL E 76 -6.53 68.93 23.28
CA VAL E 76 -7.54 68.65 24.28
C VAL E 76 -8.94 68.67 23.67
N ASP E 77 -9.20 69.61 22.76
CA ASP E 77 -10.51 69.71 22.13
C ASP E 77 -10.84 68.45 21.33
N ASP E 78 -9.88 67.93 20.57
CA ASP E 78 -10.12 66.72 19.79
C ASP E 78 -10.40 65.52 20.70
N VAL E 79 -9.73 65.45 21.85
CA VAL E 79 -9.98 64.35 22.78
C VAL E 79 -11.41 64.41 23.29
N TRP E 80 -11.88 65.62 23.63
CA TRP E 80 -13.25 65.76 24.13
C TRP E 80 -14.27 65.54 23.02
N LEU E 81 -13.90 65.86 21.77
CA LEU E 81 -14.78 65.55 20.65
C LEU E 81 -14.97 64.04 20.51
N MET E 82 -13.88 63.27 20.62
CA MET E 82 -13.99 61.82 20.60
C MET E 82 -14.85 61.32 21.75
N PHE E 83 -14.66 61.90 22.95
CA PHE E 83 -15.47 61.51 24.09
C PHE E 83 -16.95 61.80 23.85
N ASN E 84 -17.26 63.00 23.37
CA ASN E 84 -18.67 63.36 23.21
C ASN E 84 -19.33 62.54 22.12
N ASN E 85 -18.60 62.23 21.05
CA ASN E 85 -19.16 61.37 20.01
C ASN E 85 -19.68 60.06 20.59
N ALA E 86 -18.89 59.45 21.48
CA ALA E 86 -19.32 58.20 22.10
C ALA E 86 -20.44 58.43 23.10
N TRP E 87 -20.36 59.52 23.88
CA TRP E 87 -21.41 59.84 24.83
C TRP E 87 -22.72 60.19 24.14
N LEU E 88 -22.64 60.84 22.98
CA LEU E 88 -23.86 61.25 22.28
C LEU E 88 -24.50 60.06 21.56
N TYR E 89 -23.70 59.26 20.86
CA TYR E 89 -24.29 58.19 20.05
C TYR E 89 -24.76 57.01 20.90
N ASN E 90 -24.04 56.69 21.96
CA ASN E 90 -24.33 55.52 22.77
C ASN E 90 -25.10 55.88 24.03
N ARG E 91 -25.98 54.98 24.44
CA ARG E 91 -26.76 55.16 25.66
C ARG E 91 -25.88 54.94 26.89
N LYS E 92 -26.31 55.52 28.02
CA LYS E 92 -25.54 55.40 29.24
C LYS E 92 -25.35 53.96 29.69
N THR E 93 -26.26 53.07 29.30
CA THR E 93 -26.16 51.67 29.69
C THR E 93 -25.25 50.86 28.78
N SER E 94 -24.84 51.41 27.64
CA SER E 94 -24.08 50.65 26.66
C SER E 94 -22.63 50.49 27.12
N ARG E 95 -21.94 49.54 26.47
CA ARG E 95 -20.56 49.25 26.83
C ARG E 95 -19.60 50.30 26.30
N VAL E 96 -19.82 50.79 25.08
CA VAL E 96 -18.92 51.78 24.52
C VAL E 96 -18.98 53.09 25.30
N TYR E 97 -20.17 53.45 25.79
CA TYR E 97 -20.30 54.63 26.64
C TYR E 97 -19.47 54.46 27.91
N LYS E 98 -19.62 53.31 28.59
CA LYS E 98 -18.88 53.08 29.82
C LYS E 98 -17.38 53.00 29.56
N PHE E 99 -16.98 52.40 28.43
CA PHE E 99 -15.59 52.44 28.02
C PHE E 99 -15.09 53.88 27.87
N CYS E 100 -15.89 54.72 27.22
CA CYS E 100 -15.51 56.11 27.03
C CYS E 100 -15.35 56.84 28.36
N SER E 101 -16.28 56.61 29.29
CA SER E 101 -16.21 57.28 30.59
C SER E 101 -14.96 56.86 31.35
N LYS E 102 -14.49 55.62 31.14
CA LYS E 102 -13.25 55.20 31.79
C LYS E 102 -12.06 55.95 31.19
N LEU E 103 -12.04 56.09 29.85
CA LEU E 103 -11.00 56.89 29.21
C LEU E 103 -11.05 58.34 29.67
N ALA E 104 -12.26 58.91 29.79
CA ALA E 104 -12.40 60.29 30.23
C ALA E 104 -11.80 60.50 31.61
N GLU E 105 -12.04 59.56 32.55
CA GLU E 105 -11.46 59.70 33.87
C GLU E 105 -9.95 59.73 33.79
N VAL E 106 -9.36 58.82 33.00
CA VAL E 106 -7.91 58.74 32.87
C VAL E 106 -7.35 60.04 32.32
N PHE E 107 -7.99 60.57 31.27
CA PHE E 107 -7.49 61.79 30.65
C PHE E 107 -7.58 62.97 31.61
N GLU E 108 -8.63 63.03 32.42
CA GLU E 108 -8.81 64.14 33.35
C GLU E 108 -7.70 64.18 34.40
N GLN E 109 -7.21 63.01 34.84
CA GLN E 109 -6.15 62.97 35.83
CA GLN E 109 -6.15 62.99 35.85
C GLN E 109 -4.77 63.21 35.25
N GLU E 110 -4.61 63.05 33.94
CA GLU E 110 -3.30 63.12 33.30
C GLU E 110 -3.01 64.48 32.70
N ILE E 111 -4.04 65.22 32.29
CA ILE E 111 -3.82 66.39 31.45
C ILE E 111 -3.43 67.64 32.24
N ASP E 112 -3.94 67.82 33.45
CA ASP E 112 -3.69 69.06 34.19
C ASP E 112 -2.21 69.34 34.41
N PRO E 113 -1.40 68.43 34.99
CA PRO E 113 0.03 68.76 35.16
C PRO E 113 0.71 69.04 33.84
N VAL E 114 0.34 68.31 32.79
CA VAL E 114 0.93 68.53 31.47
C VAL E 114 0.57 69.93 30.95
N MET E 115 -0.67 70.37 31.17
CA MET E 115 -1.07 71.69 30.69
C MET E 115 -0.30 72.80 31.38
N GLN E 116 -0.15 72.70 32.71
CA GLN E 116 0.59 73.74 33.43
C GLN E 116 2.04 73.80 32.98
N SER E 117 2.64 72.65 32.68
CA SER E 117 4.04 72.63 32.26
C SER E 117 4.25 73.36 30.94
N LEU E 118 3.23 73.41 30.10
CA LEU E 118 3.33 74.13 28.82
C LEU E 118 2.98 75.60 29.00
N LYS F 5 27.17 -23.35 5.38
CA LYS F 5 27.80 -24.56 5.90
C LYS F 5 28.59 -25.28 4.82
N ILE F 6 29.86 -25.58 5.11
CA ILE F 6 30.69 -26.38 4.21
C ILE F 6 30.27 -27.84 4.35
N PHE F 7 30.30 -28.56 3.23
CA PHE F 7 29.89 -29.97 3.19
C PHE F 7 30.99 -30.78 2.52
N LYS F 8 31.80 -31.45 3.34
CA LYS F 8 32.83 -32.33 2.80
C LYS F 8 32.17 -33.48 2.03
N PRO F 9 32.82 -33.96 0.96
CA PRO F 9 32.17 -34.98 0.10
C PRO F 9 31.80 -36.25 0.83
N GLU F 10 32.55 -36.65 1.86
CA GLU F 10 32.25 -37.91 2.54
C GLU F 10 30.98 -37.80 3.37
N GLU F 11 30.84 -36.73 4.16
CA GLU F 11 29.59 -36.49 4.86
C GLU F 11 28.42 -36.50 3.90
N LEU F 12 28.57 -35.83 2.77
CA LEU F 12 27.51 -35.82 1.76
C LEU F 12 27.27 -37.22 1.21
N ARG F 13 28.33 -38.00 1.02
CA ARG F 13 28.19 -39.36 0.56
C ARG F 13 27.43 -40.21 1.58
N GLN F 14 27.97 -40.30 2.80
CA GLN F 14 27.42 -41.20 3.81
C GLN F 14 25.95 -40.90 4.09
N ALA F 15 25.53 -39.63 3.99
CA ALA F 15 24.16 -39.29 4.31
C ALA F 15 23.22 -39.50 3.13
N LEU F 16 23.65 -39.16 1.93
CA LEU F 16 22.79 -39.19 0.76
C LEU F 16 22.79 -40.54 0.05
N MET F 17 23.91 -41.27 0.09
CA MET F 17 23.98 -42.56 -0.57
C MET F 17 22.88 -43.54 -0.16
N PRO F 18 22.50 -43.66 1.12
CA PRO F 18 21.36 -44.54 1.45
C PRO F 18 20.09 -44.20 0.68
N THR F 19 19.83 -42.92 0.41
CA THR F 19 18.66 -42.55 -0.37
C THR F 19 18.81 -43.02 -1.82
N LEU F 20 20.01 -42.92 -2.37
CA LEU F 20 20.24 -43.40 -3.74
C LEU F 20 20.14 -44.92 -3.81
N GLU F 21 20.64 -45.62 -2.79
CA GLU F 21 20.51 -47.07 -2.76
C GLU F 21 19.05 -47.51 -2.67
N ALA F 22 18.22 -46.72 -1.97
CA ALA F 22 16.80 -47.03 -1.89
C ALA F 22 16.14 -46.99 -3.27
N LEU F 23 16.63 -46.14 -4.16
CA LEU F 23 16.11 -46.12 -5.52
C LEU F 23 16.58 -47.35 -6.29
N TYR F 24 17.88 -47.68 -6.19
CA TYR F 24 18.42 -48.86 -6.84
C TYR F 24 17.69 -50.13 -6.42
N ARG F 25 17.31 -50.22 -5.14
CA ARG F 25 16.64 -51.41 -4.62
CA ARG F 25 16.66 -51.44 -4.66
CA ARG F 25 16.65 -51.42 -4.64
C ARG F 25 15.29 -51.65 -5.29
N GLN F 26 14.71 -50.62 -5.90
CA GLN F 26 13.40 -50.74 -6.54
C GLN F 26 13.57 -51.49 -7.86
N ASP F 27 13.06 -52.71 -7.91
CA ASP F 27 13.12 -53.55 -9.11
C ASP F 27 11.69 -53.98 -9.42
N PRO F 28 11.18 -53.71 -10.63
CA PRO F 28 11.87 -53.19 -11.81
C PRO F 28 11.77 -51.68 -12.00
N GLU F 29 11.30 -50.94 -10.99
CA GLU F 29 11.00 -49.52 -11.21
C GLU F 29 12.24 -48.70 -11.51
N SER F 30 13.38 -49.04 -10.91
CA SER F 30 14.61 -48.30 -11.17
C SER F 30 15.35 -48.78 -12.41
N LEU F 31 14.98 -49.94 -12.95
CA LEU F 31 15.71 -50.50 -14.08
C LEU F 31 15.82 -49.57 -15.28
N PRO F 32 14.77 -48.83 -15.69
CA PRO F 32 14.95 -47.91 -16.83
C PRO F 32 15.90 -46.76 -16.56
N PHE F 33 16.29 -46.54 -15.31
CA PHE F 33 17.06 -45.37 -14.93
C PHE F 33 18.46 -45.71 -14.43
N ARG F 34 18.90 -46.95 -14.61
CA ARG F 34 20.22 -47.36 -14.11
C ARG F 34 21.36 -46.82 -14.98
N GLN F 35 21.10 -46.59 -16.26
CA GLN F 35 22.12 -46.19 -17.23
C GLN F 35 21.63 -45.00 -18.02
N PRO F 36 22.55 -44.21 -18.59
CA PRO F 36 22.13 -43.09 -19.44
C PRO F 36 21.25 -43.57 -20.59
N VAL F 37 20.30 -42.74 -20.98
CA VAL F 37 19.38 -43.11 -22.04
C VAL F 37 20.12 -43.17 -23.36
N ASP F 38 19.94 -44.28 -24.08
CA ASP F 38 20.49 -44.45 -25.42
C ASP F 38 19.33 -44.37 -26.42
N PRO F 39 19.07 -43.21 -27.03
CA PRO F 39 17.93 -43.12 -27.96
C PRO F 39 18.04 -44.07 -29.13
N GLN F 40 19.26 -44.34 -29.61
CA GLN F 40 19.43 -45.27 -30.73
C GLN F 40 19.01 -46.68 -30.32
N LEU F 41 19.47 -47.13 -29.15
CA LEU F 41 19.18 -48.48 -28.70
C LEU F 41 17.70 -48.67 -28.39
N LEU F 42 17.08 -47.66 -27.77
CA LEU F 42 15.70 -47.78 -27.32
C LEU F 42 14.68 -47.39 -28.37
N GLY F 43 15.12 -46.97 -29.56
CA GLY F 43 14.19 -46.61 -30.62
C GLY F 43 13.39 -45.36 -30.36
N ILE F 44 13.99 -44.38 -29.68
CA ILE F 44 13.31 -43.13 -29.37
C ILE F 44 14.18 -41.98 -29.86
N PRO F 45 14.29 -41.78 -31.18
CA PRO F 45 15.27 -40.82 -31.70
C PRO F 45 14.99 -39.36 -31.33
N ASP F 46 13.77 -39.03 -30.89
CA ASP F 46 13.43 -37.67 -30.52
C ASP F 46 13.69 -37.37 -29.07
N TYR F 47 14.37 -38.27 -28.35
CA TYR F 47 14.55 -38.08 -26.91
C TYR F 47 15.30 -36.80 -26.60
N PHE F 48 16.46 -36.61 -27.25
CA PHE F 48 17.27 -35.42 -26.96
C PHE F 48 16.63 -34.14 -27.48
N ASP F 49 15.65 -34.24 -28.39
CA ASP F 49 14.89 -33.06 -28.79
C ASP F 49 13.94 -32.63 -27.69
N ILE F 50 13.53 -33.55 -26.82
CA ILE F 50 12.60 -33.26 -25.75
C ILE F 50 13.33 -33.03 -24.43
N VAL F 51 14.31 -33.87 -24.14
CA VAL F 51 15.09 -33.83 -22.90
C VAL F 51 16.41 -33.11 -23.16
N LYS F 52 16.53 -31.87 -22.66
CA LYS F 52 17.75 -31.10 -22.87
C LYS F 52 18.89 -31.53 -21.96
N ASN F 53 18.58 -32.05 -20.78
CA ASN F 53 19.61 -32.43 -19.80
C ASN F 53 19.35 -33.83 -19.28
N PRO F 54 19.91 -34.85 -19.92
CA PRO F 54 19.71 -36.23 -19.43
C PRO F 54 20.36 -36.44 -18.07
N MET F 55 19.78 -37.37 -17.31
CA MET F 55 20.27 -37.68 -15.98
C MET F 55 19.80 -39.08 -15.60
N ASP F 56 20.65 -39.82 -14.89
CA ASP F 56 20.31 -41.18 -14.49
C ASP F 56 21.02 -41.51 -13.19
N LEU F 57 20.71 -42.68 -12.65
CA LEU F 57 21.25 -43.08 -11.36
C LEU F 57 22.76 -43.24 -11.40
N SER F 58 23.28 -43.85 -12.47
CA SER F 58 24.73 -44.07 -12.56
C SER F 58 25.49 -42.75 -12.60
N THR F 59 24.94 -41.75 -13.29
CA THR F 59 25.58 -40.45 -13.32
C THR F 59 25.55 -39.78 -11.96
N ILE F 60 24.43 -39.91 -11.24
CA ILE F 60 24.33 -39.35 -9.89
C ILE F 60 25.30 -40.04 -8.94
N LYS F 61 25.41 -41.37 -9.06
CA LYS F 61 26.35 -42.12 -8.23
C LYS F 61 27.78 -41.64 -8.42
N ARG F 62 28.20 -41.45 -9.68
CA ARG F 62 29.57 -41.00 -9.93
C ARG F 62 29.79 -39.61 -9.36
N LYS F 63 28.80 -38.72 -9.47
CA LYS F 63 28.95 -37.38 -8.91
C LYS F 63 29.06 -37.42 -7.39
N LEU F 64 28.33 -38.34 -6.75
CA LEU F 64 28.48 -38.52 -5.31
C LEU F 64 29.85 -39.09 -4.95
N ASP F 65 30.30 -40.10 -5.70
CA ASP F 65 31.57 -40.75 -5.38
C ASP F 65 32.75 -39.84 -5.66
N THR F 66 32.63 -38.93 -6.62
CA THR F 66 33.71 -38.01 -6.97
C THR F 66 33.56 -36.64 -6.33
N GLY F 67 32.58 -36.47 -5.43
CA GLY F 67 32.44 -35.22 -4.70
C GLY F 67 32.12 -34.02 -5.55
N GLN F 68 31.31 -34.20 -6.59
CA GLN F 68 30.97 -33.09 -7.46
C GLN F 68 29.83 -32.24 -6.90
N TYR F 69 29.22 -32.67 -5.79
CA TYR F 69 28.18 -31.90 -5.11
C TYR F 69 28.78 -31.13 -3.95
N GLN F 70 28.57 -29.82 -3.92
CA GLN F 70 29.03 -28.99 -2.82
C GLN F 70 28.00 -28.85 -1.71
N GLU F 71 26.72 -28.99 -2.03
CA GLU F 71 25.63 -28.86 -1.08
CA GLU F 71 25.64 -28.87 -1.07
C GLU F 71 24.61 -29.96 -1.35
N PRO F 72 23.89 -30.42 -0.32
CA PRO F 72 22.98 -31.56 -0.52
C PRO F 72 21.85 -31.29 -1.50
N TRP F 73 21.44 -30.03 -1.70
CA TRP F 73 20.30 -29.78 -2.58
C TRP F 73 20.64 -29.96 -4.06
N GLN F 74 21.93 -29.93 -4.41
CA GLN F 74 22.29 -30.21 -5.80
C GLN F 74 22.10 -31.67 -6.14
N TYR F 75 22.33 -32.55 -5.16
CA TYR F 75 22.01 -33.96 -5.35
C TYR F 75 20.51 -34.15 -5.56
N VAL F 76 19.70 -33.47 -4.74
CA VAL F 76 18.24 -33.52 -4.90
C VAL F 76 17.83 -32.98 -6.25
N ASP F 77 18.49 -31.90 -6.70
CA ASP F 77 18.15 -31.32 -8.00
C ASP F 77 18.37 -32.31 -9.13
N ASP F 78 19.48 -33.05 -9.09
CA ASP F 78 19.76 -34.04 -10.12
C ASP F 78 18.73 -35.18 -10.11
N VAL F 79 18.28 -35.57 -8.91
CA VAL F 79 17.28 -36.63 -8.82
C VAL F 79 15.96 -36.18 -9.44
N TRP F 80 15.54 -34.94 -9.16
CA TRP F 80 14.30 -34.44 -9.74
C TRP F 80 14.44 -34.17 -11.23
N LEU F 81 15.64 -33.85 -11.69
CA LEU F 81 15.87 -33.75 -13.13
C LEU F 81 15.64 -35.09 -13.81
N MET F 82 16.16 -36.17 -13.22
CA MET F 82 15.89 -37.51 -13.74
C MET F 82 14.40 -37.82 -13.74
N PHE F 83 13.70 -37.45 -12.66
CA PHE F 83 12.27 -37.68 -12.57
C PHE F 83 11.53 -36.90 -13.65
N ASN F 84 11.85 -35.62 -13.80
CA ASN F 84 11.11 -34.79 -14.74
C ASN F 84 11.36 -35.22 -16.19
N ASN F 85 12.58 -35.64 -16.50
CA ASN F 85 12.86 -36.15 -17.83
C ASN F 85 11.93 -37.28 -18.21
N ALA F 86 11.70 -38.21 -17.27
CA ALA F 86 10.80 -39.33 -17.55
C ALA F 86 9.35 -38.87 -17.59
N TRP F 87 8.96 -37.96 -16.70
CA TRP F 87 7.60 -37.43 -16.70
C TRP F 87 7.33 -36.61 -17.95
N LEU F 88 8.34 -35.88 -18.45
CA LEU F 88 8.15 -35.03 -19.61
C LEU F 88 8.11 -35.84 -20.91
N TYR F 89 9.06 -36.76 -21.07
CA TYR F 89 9.15 -37.49 -22.34
C TYR F 89 8.06 -38.56 -22.47
N ASN F 90 7.68 -39.19 -21.37
CA ASN F 90 6.75 -40.30 -21.41
C ASN F 90 5.34 -39.83 -21.03
N ARG F 91 4.34 -40.48 -21.62
CA ARG F 91 2.97 -40.15 -21.30
C ARG F 91 2.54 -40.83 -20.01
N LYS F 92 1.52 -40.25 -19.38
CA LYS F 92 1.05 -40.72 -18.08
C LYS F 92 0.63 -42.19 -18.10
N THR F 93 0.26 -42.73 -19.26
CA THR F 93 -0.13 -44.13 -19.36
C THR F 93 1.05 -45.08 -19.54
N SER F 94 2.22 -44.58 -19.92
CA SER F 94 3.35 -45.45 -20.21
C SER F 94 3.90 -46.08 -18.94
N ARG F 95 4.63 -47.18 -19.11
CA ARG F 95 5.19 -47.91 -17.98
C ARG F 95 6.38 -47.18 -17.38
N VAL F 96 7.21 -46.54 -18.21
CA VAL F 96 8.37 -45.82 -17.70
C VAL F 96 7.92 -44.64 -16.84
N TYR F 97 6.82 -43.99 -17.23
CA TYR F 97 6.26 -42.93 -16.39
C TYR F 97 5.83 -43.48 -15.03
N LYS F 98 5.10 -44.59 -15.02
CA LYS F 98 4.64 -45.16 -13.76
C LYS F 98 5.80 -45.67 -12.92
N PHE F 99 6.84 -46.21 -13.56
CA PHE F 99 8.05 -46.57 -12.85
C PHE F 99 8.68 -45.34 -12.18
N CYS F 100 8.74 -44.23 -12.91
CA CYS F 100 9.33 -43.01 -12.37
C CYS F 100 8.55 -42.52 -11.15
N SER F 101 7.21 -42.56 -11.23
CA SER F 101 6.40 -42.07 -10.12
C SER F 101 6.61 -42.92 -8.86
N LYS F 102 6.90 -44.21 -9.04
CA LYS F 102 7.23 -45.07 -7.90
C LYS F 102 8.56 -44.67 -7.27
N LEU F 103 9.57 -44.39 -8.11
CA LEU F 103 10.84 -43.91 -7.59
C LEU F 103 10.67 -42.60 -6.83
N ALA F 104 9.86 -41.68 -7.37
CA ALA F 104 9.63 -40.41 -6.70
C ALA F 104 8.99 -40.62 -5.34
N GLU F 105 8.02 -41.54 -5.25
CA GLU F 105 7.38 -41.81 -3.97
C GLU F 105 8.39 -42.33 -2.96
N VAL F 106 9.27 -43.25 -3.38
CA VAL F 106 10.28 -43.79 -2.47
C VAL F 106 11.22 -42.67 -2.02
N PHE F 107 11.68 -41.85 -2.96
CA PHE F 107 12.64 -40.80 -2.63
C PHE F 107 12.03 -39.76 -1.71
N GLU F 108 10.74 -39.45 -1.90
CA GLU F 108 10.09 -38.45 -1.05
C GLU F 108 10.03 -38.89 0.40
N GLN F 109 10.00 -40.20 0.65
CA GLN F 109 9.98 -40.71 2.02
C GLN F 109 11.36 -40.87 2.61
N GLU F 110 12.39 -40.98 1.78
CA GLU F 110 13.77 -41.14 2.24
C GLU F 110 14.50 -39.82 2.48
N ILE F 111 14.17 -38.77 1.73
CA ILE F 111 15.08 -37.62 1.72
C ILE F 111 14.85 -36.67 2.90
N ASP F 112 13.61 -36.56 3.40
CA ASP F 112 13.33 -35.57 4.44
C ASP F 112 14.18 -35.75 5.69
N PRO F 113 14.24 -36.93 6.33
CA PRO F 113 15.10 -37.05 7.52
C PRO F 113 16.57 -36.80 7.22
N VAL F 114 17.05 -37.26 6.05
CA VAL F 114 18.44 -37.07 5.69
C VAL F 114 18.77 -35.59 5.55
N MET F 115 17.88 -34.81 4.93
CA MET F 115 18.12 -33.38 4.77
C MET F 115 18.14 -32.68 6.12
N GLN F 116 17.25 -33.09 7.04
CA GLN F 116 17.26 -32.51 8.38
C GLN F 116 18.55 -32.81 9.11
N SER F 117 19.06 -34.04 8.98
CA SER F 117 20.31 -34.41 9.65
C SER F 117 21.52 -33.68 9.10
N LEU F 118 21.39 -32.99 7.97
CA LEU F 118 22.51 -32.27 7.38
C LEU F 118 22.40 -30.78 7.68
N GLY F 119 21.17 -30.32 7.91
CA GLY F 119 20.91 -28.92 8.19
N PHE G 7 -8.12 -55.83 -25.21
CA PHE G 7 -9.27 -56.42 -25.85
C PHE G 7 -9.53 -57.85 -25.36
N LYS G 8 -9.58 -58.80 -26.29
CA LYS G 8 -9.87 -60.18 -25.93
C LYS G 8 -8.74 -61.11 -26.36
N PRO G 9 -8.75 -62.38 -25.93
CA PRO G 9 -7.57 -63.24 -26.09
C PRO G 9 -7.36 -63.80 -27.48
N GLU G 10 -8.33 -64.61 -27.94
CA GLU G 10 -8.27 -65.19 -29.28
C GLU G 10 -8.05 -64.14 -30.37
N GLU G 11 -8.21 -62.86 -30.04
CA GLU G 11 -7.99 -61.76 -30.95
C GLU G 11 -6.64 -61.08 -30.76
N LEU G 12 -6.23 -60.82 -29.50
CA LEU G 12 -4.95 -60.16 -29.24
C LEU G 12 -3.77 -60.90 -29.83
N ARG G 13 -3.86 -62.23 -29.96
CA ARG G 13 -2.81 -62.99 -30.64
C ARG G 13 -2.61 -62.47 -32.06
N GLN G 14 -3.70 -62.30 -32.80
CA GLN G 14 -3.61 -61.98 -34.23
C GLN G 14 -2.76 -60.74 -34.49
N ALA G 15 -2.85 -59.75 -33.61
CA ALA G 15 -2.05 -58.54 -33.80
C ALA G 15 -0.67 -58.68 -33.19
N LEU G 16 -0.57 -59.35 -32.03
CA LEU G 16 0.69 -59.38 -31.28
C LEU G 16 1.60 -60.54 -31.69
N MET G 17 1.03 -61.71 -32.03
CA MET G 17 1.86 -62.84 -32.43
C MET G 17 2.79 -62.56 -33.60
N PRO G 18 2.38 -61.86 -34.67
CA PRO G 18 3.34 -61.55 -35.75
C PRO G 18 4.59 -60.85 -35.27
N THR G 19 4.49 -59.98 -34.27
CA THR G 19 5.68 -59.35 -33.72
C THR G 19 6.54 -60.36 -32.97
N LEU G 20 5.90 -61.32 -32.29
CA LEU G 20 6.67 -62.38 -31.63
C LEU G 20 7.36 -63.27 -32.64
N GLU G 21 6.68 -63.55 -33.77
CA GLU G 21 7.29 -64.37 -34.81
C GLU G 21 8.49 -63.68 -35.43
N ALA G 22 8.40 -62.35 -35.62
CA ALA G 22 9.55 -61.59 -36.11
C ALA G 22 10.76 -61.76 -35.20
N LEU G 23 10.53 -61.95 -33.90
CA LEU G 23 11.64 -62.20 -32.99
C LEU G 23 12.21 -63.60 -33.20
N TYR G 24 11.34 -64.61 -33.28
CA TYR G 24 11.79 -65.97 -33.51
C TYR G 24 12.57 -66.09 -34.82
N ARG G 25 12.19 -65.34 -35.86
CA ARG G 25 12.85 -65.47 -37.14
CA ARG G 25 12.85 -65.45 -37.15
C ARG G 25 14.31 -65.03 -37.08
N GLN G 26 14.65 -64.16 -36.13
CA GLN G 26 16.03 -63.69 -35.99
C GLN G 26 16.90 -64.85 -35.52
N ASP G 27 17.75 -65.36 -36.41
CA ASP G 27 18.67 -66.45 -36.09
C ASP G 27 20.06 -65.97 -36.46
N PRO G 28 21.04 -66.00 -35.53
CA PRO G 28 21.00 -66.62 -34.21
C PRO G 28 20.62 -65.68 -33.07
N GLU G 29 20.14 -64.46 -33.36
CA GLU G 29 19.97 -63.47 -32.30
C GLU G 29 18.90 -63.87 -31.28
N SER G 30 17.84 -64.57 -31.72
CA SER G 30 16.81 -64.98 -30.78
C SER G 30 17.14 -66.27 -30.06
N LEU G 31 18.15 -67.01 -30.52
CA LEU G 31 18.45 -68.30 -29.93
C LEU G 31 18.71 -68.28 -28.43
N PRO G 32 19.44 -67.32 -27.85
CA PRO G 32 19.62 -67.33 -26.39
C PRO G 32 18.35 -67.08 -25.61
N PHE G 33 17.27 -66.64 -26.26
CA PHE G 33 16.07 -66.20 -25.56
C PHE G 33 14.87 -67.10 -25.87
N ARG G 34 15.09 -68.26 -26.49
CA ARG G 34 13.97 -69.13 -26.88
C ARG G 34 13.39 -69.88 -25.69
N GLN G 35 14.17 -70.11 -24.65
CA GLN G 35 13.74 -70.92 -23.50
C GLN G 35 14.15 -70.21 -22.22
N PRO G 36 13.53 -70.55 -21.10
CA PRO G 36 13.93 -69.94 -19.82
C PRO G 36 15.39 -70.22 -19.50
N VAL G 37 16.04 -69.24 -18.88
CA VAL G 37 17.45 -69.34 -18.56
C VAL G 37 17.66 -70.41 -17.49
N ASP G 38 18.60 -71.32 -17.75
CA ASP G 38 19.02 -72.31 -16.76
C ASP G 38 20.40 -71.93 -16.26
N PRO G 39 20.51 -71.23 -15.11
CA PRO G 39 21.84 -70.82 -14.65
C PRO G 39 22.80 -71.96 -14.41
N GLN G 40 22.30 -73.12 -13.96
CA GLN G 40 23.17 -74.26 -13.73
C GLN G 40 23.71 -74.81 -15.05
N LEU G 41 22.83 -74.95 -16.05
CA LEU G 41 23.27 -75.47 -17.34
C LEU G 41 24.28 -74.53 -17.99
N LEU G 42 24.06 -73.22 -17.89
CA LEU G 42 24.89 -72.25 -18.58
C LEU G 42 26.09 -71.80 -17.76
N GLY G 43 26.25 -72.31 -16.54
CA GLY G 43 27.40 -71.95 -15.72
C GLY G 43 27.41 -70.52 -15.25
N ILE G 44 26.24 -69.94 -14.99
CA ILE G 44 26.15 -68.56 -14.51
C ILE G 44 25.30 -68.53 -13.23
N PRO G 45 25.82 -69.04 -12.11
CA PRO G 45 24.97 -69.24 -10.93
C PRO G 45 24.44 -67.96 -10.31
N ASP G 46 24.99 -66.79 -10.65
CA ASP G 46 24.55 -65.52 -10.08
C ASP G 46 23.41 -64.89 -10.87
N TYR G 47 22.84 -65.59 -11.85
CA TYR G 47 21.84 -64.98 -12.72
C TYR G 47 20.62 -64.52 -11.94
N PHE G 48 20.04 -65.40 -11.12
CA PHE G 48 18.84 -65.04 -10.38
C PHE G 48 19.08 -64.01 -9.31
N ASP G 49 20.34 -63.77 -8.92
CA ASP G 49 20.63 -62.69 -7.97
C ASP G 49 20.50 -61.33 -8.62
N ILE G 50 20.71 -61.25 -9.93
CA ILE G 50 20.62 -60.00 -10.67
C ILE G 50 19.30 -59.89 -11.41
N VAL G 51 18.83 -60.98 -12.01
CA VAL G 51 17.57 -60.94 -12.74
C VAL G 51 16.48 -61.43 -11.79
N LYS G 52 15.69 -60.49 -11.26
CA LYS G 52 14.66 -60.84 -10.29
C LYS G 52 13.44 -61.45 -10.94
N ASN G 53 13.14 -61.09 -12.20
CA ASN G 53 11.96 -61.58 -12.89
C ASN G 53 12.39 -62.10 -14.26
N PRO G 54 12.75 -63.36 -14.36
CA PRO G 54 13.15 -63.92 -15.66
C PRO G 54 12.00 -63.89 -16.65
N MET G 55 12.35 -63.79 -17.92
CA MET G 55 11.36 -63.76 -19.00
C MET G 55 12.04 -64.19 -20.28
N ASP G 56 11.31 -64.92 -21.12
CA ASP G 56 11.86 -65.41 -22.38
C ASP G 56 10.72 -65.55 -23.39
N LEU G 57 11.11 -65.86 -24.64
CA LEU G 57 10.14 -65.93 -25.72
C LEU G 57 9.10 -67.03 -25.48
N SER G 58 9.55 -68.20 -25.02
CA SER G 58 8.61 -69.30 -24.80
C SER G 58 7.57 -68.94 -23.75
N THR G 59 7.98 -68.22 -22.70
CA THR G 59 7.02 -67.80 -21.68
C THR G 59 6.02 -66.80 -22.26
N ILE G 60 6.50 -65.86 -23.09
CA ILE G 60 5.62 -64.88 -23.71
C ILE G 60 4.66 -65.57 -24.66
N LYS G 61 5.16 -66.54 -25.44
CA LYS G 61 4.32 -67.31 -26.34
C LYS G 61 3.21 -68.03 -25.58
N ARG G 62 3.56 -68.67 -24.46
CA ARG G 62 2.57 -69.40 -23.68
C ARG G 62 1.48 -68.48 -23.16
N LYS G 63 1.86 -67.26 -22.79
CA LYS G 63 0.88 -66.32 -22.24
C LYS G 63 -0.05 -65.80 -23.32
N LEU G 64 0.44 -65.60 -24.54
CA LEU G 64 -0.44 -65.21 -25.63
C LEU G 64 -1.40 -66.34 -26.02
N ASP G 65 -0.90 -67.58 -26.09
CA ASP G 65 -1.74 -68.68 -26.52
C ASP G 65 -2.82 -69.01 -25.49
N THR G 66 -2.55 -68.78 -24.22
CA THR G 66 -3.53 -69.04 -23.16
C THR G 66 -4.25 -67.78 -22.74
N GLY G 67 -4.07 -66.67 -23.45
CA GLY G 67 -4.79 -65.45 -23.19
C GLY G 67 -4.54 -64.85 -21.83
N GLN G 68 -3.33 -64.98 -21.32
CA GLN G 68 -3.00 -64.42 -20.01
C GLN G 68 -2.69 -62.94 -20.09
N TYR G 69 -2.64 -62.40 -21.31
CA TYR G 69 -2.52 -60.97 -21.55
C TYR G 69 -3.93 -60.44 -21.83
N GLN G 70 -4.38 -59.48 -21.04
CA GLN G 70 -5.66 -58.83 -21.27
C GLN G 70 -5.56 -57.54 -22.05
N GLU G 71 -4.44 -56.82 -21.93
CA GLU G 71 -4.20 -55.59 -22.66
C GLU G 71 -2.90 -55.70 -23.43
N PRO G 72 -2.73 -54.96 -24.53
CA PRO G 72 -1.54 -55.16 -25.36
C PRO G 72 -0.24 -54.74 -24.68
N TRP G 73 -0.27 -53.68 -23.88
CA TRP G 73 0.94 -53.21 -23.22
C TRP G 73 1.52 -54.24 -22.24
N GLN G 74 0.70 -55.16 -21.76
CA GLN G 74 1.21 -56.26 -20.94
C GLN G 74 2.17 -57.12 -21.72
N TYR G 75 1.88 -57.37 -22.99
CA TYR G 75 2.78 -58.13 -23.84
C TYR G 75 4.09 -57.37 -24.07
N VAL G 76 3.98 -56.08 -24.37
CA VAL G 76 5.16 -55.25 -24.63
C VAL G 76 6.06 -55.17 -23.40
N ASP G 77 5.46 -55.06 -22.22
CA ASP G 77 6.25 -54.99 -20.99
C ASP G 77 7.06 -56.25 -20.79
N ASP G 78 6.48 -57.42 -21.06
CA ASP G 78 7.23 -58.67 -20.92
C ASP G 78 8.37 -58.73 -21.93
N VAL G 79 8.16 -58.19 -23.14
CA VAL G 79 9.22 -58.17 -24.13
C VAL G 79 10.37 -57.28 -23.67
N TRP G 80 10.06 -56.10 -23.13
CA TRP G 80 11.11 -55.21 -22.67
C TRP G 80 11.76 -55.74 -21.39
N LEU G 81 11.00 -56.47 -20.57
CA LEU G 81 11.60 -57.11 -19.41
C LEU G 81 12.64 -58.14 -19.83
N MET G 82 12.33 -58.94 -20.86
CA MET G 82 13.31 -59.87 -21.40
C MET G 82 14.53 -59.13 -21.94
N PHE G 83 14.30 -58.01 -22.64
CA PHE G 83 15.41 -57.22 -23.16
C PHE G 83 16.30 -56.70 -22.04
N ASN G 84 15.68 -56.11 -21.01
CA ASN G 84 16.48 -55.50 -19.95
C ASN G 84 17.27 -56.54 -19.17
N ASN G 85 16.69 -57.72 -18.95
CA ASN G 85 17.42 -58.80 -18.28
C ASN G 85 18.75 -59.08 -18.99
N ALA G 86 18.73 -59.16 -20.32
CA ALA G 86 19.95 -59.42 -21.07
C ALA G 86 20.87 -58.22 -21.04
N TRP G 87 20.32 -57.01 -21.15
CA TRP G 87 21.14 -55.81 -21.07
C TRP G 87 21.75 -55.63 -19.68
N LEU G 88 21.01 -56.01 -18.64
CA LEU G 88 21.49 -55.81 -17.27
C LEU G 88 22.52 -56.86 -16.88
N TYR G 89 22.27 -58.13 -17.18
CA TYR G 89 23.18 -59.18 -16.72
C TYR G 89 24.46 -59.23 -17.53
N ASN G 90 24.39 -58.96 -18.83
CA ASN G 90 25.54 -59.10 -19.71
C ASN G 90 26.17 -57.73 -19.98
N ARG G 91 27.48 -57.75 -20.25
CA ARG G 91 28.19 -56.53 -20.59
C ARG G 91 27.99 -56.17 -22.05
N LYS G 92 28.26 -54.89 -22.36
CA LYS G 92 28.02 -54.38 -23.71
C LYS G 92 28.86 -55.09 -24.76
N THR G 93 29.99 -55.66 -24.37
CA THR G 93 30.85 -56.36 -25.33
C THR G 93 30.44 -57.81 -25.55
N SER G 94 29.59 -58.36 -24.69
CA SER G 94 29.22 -59.76 -24.79
C SER G 94 28.32 -60.00 -25.99
N ARG G 95 28.35 -61.24 -26.47
CA ARG G 95 27.58 -61.60 -27.65
C ARG G 95 26.08 -61.62 -27.36
N VAL G 96 25.69 -62.09 -26.17
CA VAL G 96 24.28 -62.15 -25.82
C VAL G 96 23.68 -60.75 -25.72
N TYR G 97 24.48 -59.79 -25.24
CA TYR G 97 24.03 -58.40 -25.22
C TYR G 97 23.76 -57.89 -26.63
N LYS G 98 24.70 -58.14 -27.54
CA LYS G 98 24.53 -57.69 -28.92
C LYS G 98 23.36 -58.38 -29.61
N PHE G 99 23.15 -59.66 -29.30
CA PHE G 99 21.99 -60.35 -29.86
C PHE G 99 20.70 -59.71 -29.38
N CYS G 100 20.63 -59.37 -28.08
CA CYS G 100 19.44 -58.73 -27.53
C CYS G 100 19.15 -57.41 -28.22
N SER G 101 20.19 -56.60 -28.44
CA SER G 101 19.99 -55.29 -29.07
C SER G 101 19.46 -55.44 -30.49
N LYS G 102 19.83 -56.53 -31.17
CA LYS G 102 19.29 -56.78 -32.50
C LYS G 102 17.80 -57.11 -32.42
N LEU G 103 17.41 -57.93 -31.43
CA LEU G 103 16.00 -58.22 -31.22
C LEU G 103 15.21 -56.97 -30.88
N ALA G 104 15.76 -56.10 -30.03
CA ALA G 104 15.09 -54.86 -29.69
C ALA G 104 14.89 -54.00 -30.92
N GLU G 105 15.90 -53.91 -31.78
CA GLU G 105 15.77 -53.14 -33.01
C GLU G 105 14.64 -53.68 -33.87
N VAL G 106 14.56 -55.00 -34.03
CA VAL G 106 13.49 -55.60 -34.81
C VAL G 106 12.13 -55.33 -34.17
N PHE G 107 12.03 -55.50 -32.85
CA PHE G 107 10.76 -55.33 -32.18
C PHE G 107 10.28 -53.88 -32.24
N GLU G 108 11.21 -52.92 -32.14
CA GLU G 108 10.82 -51.52 -32.17
C GLU G 108 10.20 -51.13 -33.50
N GLN G 109 10.67 -51.73 -34.59
CA GLN G 109 10.19 -51.39 -35.92
C GLN G 109 8.94 -52.16 -36.34
N GLU G 110 8.61 -53.23 -35.64
CA GLU G 110 7.41 -54.00 -35.94
C GLU G 110 6.23 -53.65 -35.05
N ILE G 111 6.48 -53.17 -33.82
CA ILE G 111 5.37 -53.04 -32.87
C ILE G 111 4.58 -51.75 -33.12
N ASP G 112 5.24 -50.70 -33.64
CA ASP G 112 4.55 -49.42 -33.81
C ASP G 112 3.32 -49.52 -34.70
N PRO G 113 3.39 -50.06 -35.93
CA PRO G 113 2.15 -50.19 -36.71
C PRO G 113 1.13 -51.08 -36.03
N VAL G 114 1.58 -52.12 -35.34
CA VAL G 114 0.67 -53.03 -34.64
C VAL G 114 -0.13 -52.29 -33.58
N MET G 115 0.51 -51.34 -32.90
CA MET G 115 -0.16 -50.60 -31.84
C MET G 115 -1.33 -49.77 -32.38
N GLN G 116 -1.08 -48.94 -33.40
CA GLN G 116 -2.15 -48.13 -33.99
C GLN G 116 -3.33 -49.02 -34.36
N SER G 117 -3.04 -50.13 -35.02
CA SER G 117 -4.02 -51.15 -35.33
C SER G 117 -4.47 -51.89 -34.08
C10 A1IKJ H . 3.80 -6.44 -7.70
C11 A1IKJ H . 3.93 -6.25 -9.10
C12 A1IKJ H . 3.86 -5.00 -9.77
C13 A1IKJ H . 3.63 -3.91 -8.92
C14 A1IKJ H . 4.00 -4.96 -11.29
C17 A1IKJ H . 3.39 -5.72 -13.69
C18 A1IKJ H . 2.01 -5.50 -14.35
C20 A1IKJ H . 0.97 -6.88 -12.86
C21 A1IKJ H . 2.19 -6.87 -11.85
C22 A1IKJ H . -0.38 -7.30 -12.21
C24 A1IKJ H . -0.74 -8.70 -10.18
C25 A1IKJ H . -1.77 -9.42 -10.80
C26 A1IKJ H . -2.24 -10.60 -10.22
C27 A1IKJ H . -1.74 -11.16 -9.02
C28 A1IKJ H . -0.68 -10.45 -8.36
C29 A1IKJ H . -0.22 -9.24 -8.98
C31 A1IKJ H . -0.57 -12.29 -6.58
C32 A1IKJ H . -1.99 -12.72 -6.96
C33 A1IKJ H . -2.29 -12.46 -8.44
C34 A1IKJ H . 1.17 -10.50 -6.60
C02 A1IKJ H . 3.79 -2.64 -5.40
C04 A1IKJ H . 4.73 -3.48 -4.61
C05 A1IKJ H . 4.12 -4.86 -4.33
C06 A1IKJ H . 3.14 -4.63 -3.12
C08 A1IKJ H . 3.59 -5.31 -6.88
C09 A1IKJ H . 3.51 -4.04 -7.50
C35 A1IKJ H . 2.41 -11.27 -7.11
C36 A1IKJ H . 3.76 -10.50 -7.21
C37 A1IKJ H . 3.67 -9.06 -7.73
C38 A1IKJ H . 3.92 -7.86 -7.15
N01 A1IKJ H . 3.28 -2.91 -6.66
N07 A1IKJ H . 3.45 -5.44 -5.49
N16 A1IKJ H . 3.22 -5.80 -12.23
N30 A1IKJ H . -0.14 -10.97 -7.14
O03 A1IKJ H . 3.39 -1.59 -4.87
O15 A1IKJ H . 4.79 -4.15 -11.82
O19 A1IKJ H . 0.95 -5.66 -13.46
O23 A1IKJ H . -0.30 -7.53 -10.81
S SO4 I . 13.00 -7.33 13.97
O1 SO4 I . 13.74 -7.95 15.11
O2 SO4 I . 13.91 -7.19 12.78
O3 SO4 I . 11.82 -8.18 13.62
O4 SO4 I . 12.53 -5.96 14.37
S SO4 J . -2.18 7.70 -18.97
O1 SO4 J . -1.20 8.22 -19.98
O2 SO4 J . -3.30 7.00 -19.68
O3 SO4 J . -1.48 6.74 -18.06
O4 SO4 J . -2.74 8.84 -18.16
S SO4 K . -3.49 7.68 -11.03
O1 SO4 K . -3.99 8.84 -10.22
O2 SO4 K . -4.25 7.58 -12.32
O3 SO4 K . -2.03 7.84 -11.32
O4 SO4 K . -3.71 6.41 -10.26
C10 A1IKJ L . -7.04 9.15 6.30
C10 A1IKJ L . -7.08 9.14 6.29
C11 A1IKJ L . -7.55 8.19 7.23
C11 A1IKJ L . -7.58 8.19 7.21
C12 A1IKJ L . -8.38 8.47 8.33
C12 A1IKJ L . -8.40 8.48 8.33
C13 A1IKJ L . -8.69 9.84 8.49
C13 A1IKJ L . -8.68 9.85 8.48
C14 A1IKJ L . -8.84 7.34 9.27
C14 A1IKJ L . -8.85 7.35 9.26
C17 A1IKJ L . -8.41 5.24 10.73
C17 A1IKJ L . -8.39 5.24 10.74
C18 A1IKJ L . -7.61 5.30 12.06
C18 A1IKJ L . -7.58 5.32 12.06
C20 A1IKJ L . -5.65 5.87 10.95
C20 A1IKJ L . -5.64 5.91 10.95
C21 A1IKJ L . -6.43 6.14 9.58
C21 A1IKJ L . -6.43 6.20 9.59
C22 A1IKJ L . -4.25 6.58 11.03
C22 A1IKJ L . -4.24 6.62 11.05
C24 A1IKJ L . -2.76 7.29 9.16
C24 A1IKJ L . -2.74 7.29 9.16
C25 A1IKJ L . -1.65 6.73 9.80
C25 A1IKJ L . -1.64 6.70 9.79
C26 A1IKJ L . -0.44 6.60 9.09
C26 A1IKJ L . -0.45 6.53 9.07
C27 A1IKJ L . -0.25 7.01 7.76
C27 A1IKJ L . -0.26 6.92 7.71
C28 A1IKJ L . -1.36 7.58 7.08
C28 A1IKJ L . -1.37 7.52 7.05
C29 A1IKJ L . -2.59 7.71 7.82
C29 A1IKJ L . -2.59 7.68 7.81
C31 A1IKJ L . 0.09 7.92 4.99
C31 A1IKJ L . 0.02 7.71 4.90
C32 A1IKJ L . 0.99 6.79 5.51
C32 A1IKJ L . 1.29 7.57 5.75
C33 A1IKJ L . 1.09 6.85 7.04
C33 A1IKJ L . 1.06 6.71 6.99
C34 A1IKJ L . -2.39 8.28 4.83
C34 A1IKJ L . -2.42 8.26 4.84
C02 A1IKJ L . -8.82 13.20 6.79
C02 A1IKJ L . -8.82 13.21 6.79
C04 A1IKJ L . -8.89 13.03 5.31
C04 A1IKJ L . -8.89 13.04 5.31
C05 A1IKJ L . -7.56 12.51 4.75
C05 A1IKJ L . -7.58 12.51 4.73
C06 A1IKJ L . -6.67 13.78 4.51
C06 A1IKJ L . -6.67 13.77 4.49
C08 A1IKJ L . -7.39 10.51 6.49
C08 A1IKJ L . -7.40 10.50 6.47
C09 A1IKJ L . -8.21 10.86 7.59
C09 A1IKJ L . -8.22 10.86 7.58
C35 A1IKJ L . -3.01 7.04 4.13
C35 A1IKJ L . -3.03 7.07 4.05
C36 A1IKJ L . -4.54 7.03 3.84
C36 A1IKJ L . -4.56 7.04 3.83
C37 A1IKJ L . -5.44 7.53 4.99
C37 A1IKJ L . -5.43 7.54 4.99
C38 A1IKJ L . -6.15 8.67 5.15
C38 A1IKJ L . -6.21 8.64 5.13
N01 A1IKJ L . -8.54 12.24 7.77
N01 A1IKJ L . -8.53 12.24 7.76
N07 A1IKJ L . -6.91 11.50 5.62
N07 A1IKJ L . -6.93 11.50 5.59
N16 A1IKJ L . -7.94 6.31 9.84
N16 A1IKJ L . -7.93 6.33 9.84
N30 A1IKJ L . -1.22 8.02 5.72
N30 A1IKJ L . -1.24 7.93 5.68
O03 A1IKJ L . -9.07 14.35 7.22
O03 A1IKJ L . -9.04 14.36 7.22
O15 A1IKJ L . -10.03 7.27 9.62
O15 A1IKJ L . -10.04 7.27 9.60
O19 A1IKJ L . -6.50 6.18 11.98
O19 A1IKJ L . -6.49 6.21 11.99
O23 A1IKJ L . -3.93 7.38 9.90
O23 A1IKJ L . -3.91 7.43 9.92
S SO4 M . -10.20 17.26 20.01
O1 SO4 M . -9.41 16.59 21.09
O2 SO4 M . -10.36 18.72 20.32
O3 SO4 M . -9.44 17.12 18.71
O4 SO4 M . -11.54 16.61 19.88
S SO4 N . 3.51 10.60 18.63
O1 SO4 N . 3.95 10.92 20.03
O2 SO4 N . 2.15 11.16 18.39
O3 SO4 N . 4.47 11.18 17.64
O4 SO4 N . 3.47 9.10 18.47
S SO4 O . 11.38 -17.52 3.23
O1 SO4 O . 10.41 -17.55 4.38
O2 SO4 O . 10.84 -16.64 2.14
O3 SO4 O . 12.71 -17.00 3.70
O4 SO4 O . 11.54 -18.91 2.71
C10 A1IKJ P . -5.04 32.08 11.55
C11 A1IKJ P . -3.90 32.30 10.72
C12 A1IKJ P . -3.20 33.52 10.62
C13 A1IKJ P . -3.73 34.56 11.39
C14 A1IKJ P . -2.00 33.62 9.66
C17 A1IKJ P . -0.92 33.31 7.31
C18 A1IKJ P . -1.35 34.13 6.07
C20 A1IKJ P . -3.39 33.09 6.03
C21 A1IKJ P . -3.27 32.59 7.53
C22 A1IKJ P . -4.85 33.12 5.50
C24 A1IKJ P . -6.83 31.81 6.25
C25 A1IKJ P . -7.25 31.63 4.93
C26 A1IKJ P . -8.27 30.68 4.67
C27 A1IKJ P . -8.89 29.88 5.65
C28 A1IKJ P . -8.46 30.05 7.01
C29 A1IKJ P . -7.42 31.01 7.25
C31 A1IKJ P . -10.39 28.66 7.76
C32 A1IKJ P . -10.44 27.94 6.43
C33 A1IKJ P . -9.98 28.88 5.29
C34 A1IKJ P . -8.26 28.20 8.73
C02 A1IKJ P . -5.90 35.46 14.33
C04 A1IKJ P . -6.03 34.28 15.22
C05 A1IKJ P . -6.94 33.22 14.58
C06 A1IKJ P . -8.41 33.72 14.84
C08 A1IKJ P . -5.53 33.16 12.33
C09 A1IKJ P . -4.87 34.41 12.24
C35 A1IKJ P . -7.88 28.45 10.20
C36 A1IKJ P . -6.39 28.38 10.60
C37 A1IKJ P . -5.72 29.75 10.60
C38 A1IKJ P . -5.67 30.70 11.55
N01 A1IKJ P . -5.38 35.49 13.03
N07 A1IKJ P . -6.66 33.00 13.15
N16 A1IKJ P . -2.07 33.21 8.24
N30 A1IKJ P . -9.06 29.24 8.05
O03 A1IKJ P . -6.30 36.55 14.78
O15 A1IKJ P . -0.93 34.12 10.05
O19 A1IKJ P . -2.74 34.28 5.97
O23 A1IKJ P . -5.81 32.75 6.47
S SO4 Q . -4.57 48.10 8.64
O1 SO4 Q . -4.01 47.54 9.91
O2 SO4 Q . -5.48 49.24 8.96
O3 SO4 Q . -3.44 48.57 7.76
O4 SO4 Q . -5.35 47.03 7.92
S SO4 R . -12.07 38.64 -2.16
O1 SO4 R . -12.48 39.27 -3.45
O2 SO4 R . -11.05 37.57 -2.44
O3 SO4 R . -11.48 39.67 -1.26
O4 SO4 R . -13.27 38.02 -1.50
C10 A1IKJ S . -19.04 49.83 18.37
C10 A1IKJ S . -18.99 49.84 18.40
C11 A1IKJ S . -20.21 49.04 18.41
C11 A1IKJ S . -20.18 49.04 18.45
C12 A1IKJ S . -21.51 49.53 18.71
C12 A1IKJ S . -21.47 49.51 18.74
C13 A1IKJ S . -21.56 50.91 19.00
C13 A1IKJ S . -21.53 50.90 19.01
C14 A1IKJ S . -22.70 48.55 18.75
C14 A1IKJ S . -22.66 48.53 18.78
C17 A1IKJ S . -23.85 46.36 19.57
C17 A1IKJ S . -23.81 46.34 19.56
C18 A1IKJ S . -24.30 46.20 21.05
C18 A1IKJ S . -24.23 46.11 21.03
C20 A1IKJ S . -22.07 45.92 21.61
C20 A1IKJ S . -22.01 45.99 21.67
C21 A1IKJ S . -21.56 46.77 20.38
C21 A1IKJ S . -21.49 46.67 20.33
C22 A1IKJ S . -21.03 45.81 22.77
C22 A1IKJ S . -20.99 46.07 22.86
C24 A1IKJ S . -18.59 46.25 22.81
C24 A1IKJ S . -18.52 46.29 22.78
C25 A1IKJ S . -18.37 45.36 23.87
C25 A1IKJ S . -18.37 45.32 23.77
C26 A1IKJ S . -17.07 44.90 24.12
C26 A1IKJ S . -17.09 44.79 24.03
C27 A1IKJ S . -15.93 45.28 23.38
C27 A1IKJ S . -15.91 45.16 23.35
C28 A1IKJ S . -16.13 46.18 22.28
C28 A1IKJ S . -16.04 46.15 22.31
C29 A1IKJ S . -17.47 46.63 22.03
C29 A1IKJ S . -17.36 46.67 22.06
C31 A1IKJ S . -13.65 46.44 22.10
C31 A1IKJ S . -13.52 45.99 21.84
C32 A1IKJ S . -13.43 45.06 22.70
C32 A1IKJ S . -13.32 45.35 23.22
C33 A1IKJ S . -14.54 44.74 23.72
C33 A1IKJ S . -14.57 44.55 23.67
C34 A1IKJ S . -14.90 46.22 20.08
C34 A1IKJ S . -15.00 47.36 20.33
C02 A1IKJ S . -19.79 54.21 18.62
C02 A1IKJ S . -19.78 54.21 18.61
C04 A1IKJ S . -18.81 54.13 17.50
C04 A1IKJ S . -18.80 54.12 17.50
C05 A1IKJ S . -17.61 53.27 17.89
C05 A1IKJ S . -17.59 53.27 17.90
C06 A1IKJ S . -16.66 54.21 18.73
C06 A1IKJ S . -16.66 54.23 18.74
C08 A1IKJ S . -19.13 51.22 18.64
C08 A1IKJ S . -19.10 51.22 18.66
C09 A1IKJ S . -20.40 51.75 18.97
C09 A1IKJ S . -20.38 51.76 18.98
C35 A1IKJ S . -14.90 47.38 19.08
C35 A1IKJ S . -15.14 46.55 19.02
C36 A1IKJ S . -15.90 47.31 17.91
C36 A1IKJ S . -15.92 47.18 17.82
C37 A1IKJ S . -17.25 47.91 18.25
C37 A1IKJ S . -17.26 47.86 18.18
C38 A1IKJ S . -17.72 49.15 18.02
C38 A1IKJ S . -17.68 49.14 18.05
N01 A1IKJ S . -20.48 53.16 19.25
N01 A1IKJ S . -20.46 53.15 19.24
N07 A1IKJ S . -17.98 52.04 18.63
N07 A1IKJ S . -17.96 52.04 18.64
N16 A1IKJ S . -22.71 47.30 19.54
N16 A1IKJ S . -22.66 47.25 19.53
N30 A1IKJ S . -14.99 46.59 21.50
N30 A1IKJ S . -14.90 46.55 21.58
O03 A1IKJ S . -20.03 55.36 19.06
O03 A1IKJ S . -20.03 55.36 19.04
O15 A1IKJ S . -23.75 48.81 18.12
O15 A1IKJ S . -23.72 48.81 18.18
O19 A1IKJ S . -23.29 46.46 21.99
O19 A1IKJ S . -23.25 46.51 21.95
O23 A1IKJ S . -19.90 46.65 22.59
O23 A1IKJ S . -19.80 46.78 22.55
S SO4 T . -29.63 57.83 27.59
O1 SO4 T . -29.63 56.65 28.50
O2 SO4 T . -29.43 59.09 28.38
O3 SO4 T . -28.53 57.71 26.58
O4 SO4 T . -30.95 57.92 26.87
C10 A1IKJ U . 8.08 -29.49 -7.35
C11 A1IKJ U . 8.75 -30.09 -6.26
C12 A1IKJ U . 8.84 -29.55 -4.94
C13 A1IKJ U . 8.19 -28.31 -4.80
C14 A1IKJ U . 9.62 -30.30 -3.86
C17 A1IKJ U . 11.77 -31.48 -2.99
C18 A1IKJ U . 13.06 -30.68 -2.68
C20 A1IKJ U . 13.36 -30.29 -4.94
C21 A1IKJ U . 11.86 -30.63 -5.29
C22 A1IKJ U . 14.07 -29.44 -6.02
C24 A1IKJ U . 13.51 -29.19 -8.45
C25 A1IKJ U . 14.86 -29.17 -8.81
C26 A1IKJ U . 15.19 -29.32 -10.17
C27 A1IKJ U . 14.27 -29.51 -11.22
C28 A1IKJ U . 12.88 -29.53 -10.87
C29 A1IKJ U . 12.55 -29.37 -9.48
C31 A1IKJ U . 12.28 -29.83 -13.35
C32 A1IKJ U . 13.69 -30.38 -13.58
C33 A1IKJ U . 14.70 -29.67 -12.68
C34 A1IKJ U . 10.47 -30.03 -11.62
C02 A1IKJ U . 5.64 -25.96 -6.22
C04 A1IKJ U . 4.71 -26.71 -7.10
C05 A1IKJ U . 5.38 -27.14 -8.40
C06 A1IKJ U . 5.29 -25.88 -9.35
C08 A1IKJ U . 7.44 -28.25 -7.15
C09 A1IKJ U . 7.50 -27.66 -5.87
C35 A1IKJ U . 10.12 -31.54 -11.49
C36 A1IKJ U . 8.94 -31.92 -10.54
C37 A1IKJ U . 8.91 -31.17 -9.19
C38 A1IKJ U . 8.08 -30.22 -8.69
N01 A1IKJ U . 6.85 -26.40 -5.68
N07 A1IKJ U . 6.77 -27.60 -8.20
N16 A1IKJ U . 11.01 -30.77 -4.02
N30 A1IKJ U . 11.90 -29.72 -11.90
O03 A1IKJ U . 5.31 -24.80 -5.93
O15 A1IKJ U . 9.10 -30.51 -2.74
O19 A1IKJ U . 13.38 -29.74 -3.68
O23 A1IKJ U . 13.21 -29.03 -7.08
S SO4 V . -0.11 -36.92 -21.01
O1 SO4 V . -0.47 -35.73 -20.18
O2 SO4 V . 0.25 -36.47 -22.41
O3 SO4 V . 1.07 -37.61 -20.40
O4 SO4 V . -1.27 -37.88 -21.08
C10 A1IKJ W . 12.61 -46.98 -22.29
C10 A1IKJ W . 12.63 -47.02 -22.34
C11 A1IKJ W . 11.72 -47.36 -23.33
C11 A1IKJ W . 11.71 -47.38 -23.36
C12 A1IKJ W . 10.72 -46.54 -23.91
C12 A1IKJ W . 10.71 -46.55 -23.92
C13 A1IKJ W . 10.67 -45.24 -23.36
C13 A1IKJ W . 10.66 -45.26 -23.35
C14 A1IKJ W . 9.81 -47.10 -25.02
C14 A1IKJ W . 9.78 -47.10 -25.02
C17 A1IKJ W . 8.24 -48.91 -26.02
C17 A1IKJ W . 8.17 -48.89 -26.01
C18 A1IKJ W . 6.82 -49.16 -25.43
C18 A1IKJ W . 6.79 -49.17 -25.39
C20 A1IKJ W . 7.74 -50.06 -23.51
C20 A1IKJ W . 7.72 -50.02 -23.46
C21 A1IKJ W . 9.18 -49.43 -23.80
C21 A1IKJ W . 9.16 -49.42 -23.82
C22 A1IKJ W . 7.52 -50.45 -22.01
C22 A1IKJ W . 7.52 -50.34 -21.94
C24 A1IKJ W . 9.17 -50.87 -20.19
C24 A1IKJ W . 9.22 -50.84 -20.19
C25 A1IKJ W . 8.38 -51.87 -19.60
C25 A1IKJ W . 8.44 -51.87 -19.66
C26 A1IKJ W . 8.98 -52.74 -18.67
C26 A1IKJ W . 9.02 -52.76 -18.74
C27 A1IKJ W . 10.35 -52.70 -18.29
C27 A1IKJ W . 10.36 -52.70 -18.29
C28 A1IKJ W . 11.17 -51.69 -18.91
C28 A1IKJ W . 11.17 -51.66 -18.81
C29 A1IKJ W . 10.54 -50.81 -19.85
C29 A1IKJ W . 10.57 -50.76 -19.75
C31 A1IKJ W . 13.00 -52.25 -17.29
C31 A1IKJ W . 13.13 -52.46 -17.35
C32 A1IKJ W . 12.46 -53.67 -17.12
C32 A1IKJ W . 12.45 -53.84 -17.31
C33 A1IKJ W . 10.93 -53.68 -17.28
C33 A1IKJ W . 10.92 -53.70 -17.28
C34 A1IKJ W . 13.61 -51.80 -19.58
C34 A1IKJ W . 13.55 -50.69 -19.10
C02 A1IKJ W . 12.52 -42.62 -21.37
C02 A1IKJ W . 12.56 -42.66 -21.36
C04 A1IKJ W . 13.99 -42.86 -21.42
C04 A1IKJ W . 14.03 -42.92 -21.43
C05 A1IKJ W . 14.38 -44.13 -20.63
C05 A1IKJ W . 14.41 -44.19 -20.66
C06 A1IKJ W . 14.60 -43.66 -19.15
C06 A1IKJ W . 14.63 -43.74 -19.16
C08 A1IKJ W . 12.53 -45.67 -21.78
C08 A1IKJ W . 12.56 -45.70 -21.81
C09 A1IKJ W . 11.55 -44.79 -22.32
C09 A1IKJ W . 11.57 -44.82 -22.31
C35 A1IKJ W . 14.50 -50.58 -19.91
C35 A1IKJ W . 14.25 -51.36 -20.32
C36 A1IKJ W . 14.79 -50.27 -21.41
C36 A1IKJ W . 14.70 -50.47 -21.52
C37 A1IKJ W . 13.77 -49.32 -22.00
C37 A1IKJ W . 13.68 -49.40 -21.99
C38 A1IKJ W . 13.62 -48.00 -21.78
C38 A1IKJ W . 13.63 -48.05 -21.87
N01 A1IKJ W . 11.48 -43.47 -21.77
N01 A1IKJ W . 11.51 -43.51 -21.76
N07 A1IKJ W . 13.38 -45.23 -20.75
N07 A1IKJ W . 13.42 -45.29 -20.79
N16 A1IKJ W . 9.11 -48.40 -24.94
N16 A1IKJ W . 9.06 -48.40 -24.94
N30 A1IKJ W . 12.56 -51.61 -18.55
N30 A1IKJ W . 12.54 -51.54 -18.38
O03 A1IKJ W . 12.16 -41.50 -20.92
O03 A1IKJ W . 12.21 -41.56 -20.89
O15 A1IKJ W . 9.60 -46.43 -26.06
O15 A1IKJ W . 9.55 -46.42 -26.04
O19 A1IKJ W . 6.81 -49.19 -24.02
O19 A1IKJ W . 6.79 -49.15 -23.99
O23 A1IKJ W . 8.52 -50.03 -21.11
O23 A1IKJ W . 8.61 -49.98 -21.11
C10 A1IKJ X . 24.15 -67.66 -22.22
C10 A1IKJ X . 24.15 -67.55 -22.31
C11 A1IKJ X . 25.54 -67.74 -21.93
C11 A1IKJ X . 25.54 -67.63 -22.00
C12 A1IKJ X . 26.28 -66.76 -21.24
C12 A1IKJ X . 26.27 -66.71 -21.22
C13 A1IKJ X . 25.52 -65.63 -20.84
C13 A1IKJ X . 25.50 -65.62 -20.77
C14 A1IKJ X . 27.79 -66.97 -21.01
C14 A1IKJ X . 27.78 -66.94 -20.99
C17 A1IKJ X . 30.19 -67.47 -21.86
C17 A1IKJ X . 30.19 -67.48 -21.85
C18 A1IKJ X . 30.98 -66.44 -22.71
C18 A1IKJ X . 30.98 -66.51 -22.76
C20 A1IKJ X . 29.58 -66.88 -24.49
C20 A1IKJ X . 29.50 -66.84 -24.50
C21 A1IKJ X . 28.41 -67.43 -23.58
C21 A1IKJ X . 28.41 -67.49 -23.56
C22 A1IKJ X . 29.12 -66.43 -25.91
C22 A1IKJ X . 28.90 -66.28 -25.83
C24 A1IKJ X . 26.99 -66.90 -27.09
C24 A1IKJ X . 26.84 -67.01 -27.04
C25 A1IKJ X . 27.51 -66.73 -28.38
C25 A1IKJ X . 27.54 -66.97 -28.25
C26 A1IKJ X . 26.82 -67.29 -29.47
C26 A1IKJ X . 26.95 -67.52 -29.40
C27 A1IKJ X . 25.63 -68.05 -29.36
C27 A1IKJ X . 25.67 -68.13 -29.43
C28 A1IKJ X . 25.08 -68.24 -28.05
C28 A1IKJ X . 24.93 -68.19 -28.21
C29 A1IKJ X . 25.80 -67.65 -26.95
C29 A1IKJ X . 25.56 -67.61 -27.04
C31 A1IKJ X . 22.98 -69.13 -29.08
C31 A1IKJ X . 22.92 -69.00 -29.51
C32 A1IKJ X . 23.74 -69.57 -30.32
C32 A1IKJ X . 23.83 -69.56 -30.59
C33 A1IKJ X . 24.93 -68.64 -30.60
C33 A1IKJ X . 25.10 -68.70 -30.73
C34 A1IKJ X . 23.90 -70.25 -27.17
C34 A1IKJ X . 23.05 -69.64 -27.12
C02 A1IKJ X . 22.07 -64.31 -20.16
C02 A1IKJ X . 22.04 -64.34 -20.08
C04 A1IKJ X . 21.14 -65.45 -19.93
C04 A1IKJ X . 21.08 -65.48 -19.93
C05 A1IKJ X . 20.84 -66.18 -21.24
C05 A1IKJ X . 20.83 -66.16 -21.29
C06 A1IKJ X . 19.73 -65.34 -21.97
C06 A1IKJ X . 19.71 -65.31 -21.98
C08 A1IKJ X . 23.42 -66.52 -21.80
C08 A1IKJ X . 23.42 -66.45 -21.83
C09 A1IKJ X . 24.12 -65.49 -21.12
C09 A1IKJ X . 24.10 -65.46 -21.05
C35 A1IKJ X . 22.80 -70.38 -26.10
C35 A1IKJ X . 24.01 -70.57 -26.29
C36 A1IKJ X . 23.26 -70.78 -24.68
C36 A1IKJ X . 23.67 -70.77 -24.79
C37 A1IKJ X . 23.97 -69.65 -23.94
C37 A1IKJ X . 24.17 -69.61 -23.89
C38 A1IKJ X . 23.50 -68.82 -22.99
C38 A1IKJ X . 23.55 -68.66 -23.16
N01 A1IKJ X . 23.38 -64.35 -20.68
N01 A1IKJ X . 23.35 -64.36 -20.56
N07 A1IKJ X . 22.05 -66.38 -22.08
N07 A1IKJ X . 22.05 -66.29 -22.11
N16 A1IKJ X . 28.75 -67.26 -22.09
N16 A1IKJ X . 28.75 -67.27 -22.08
N30 A1IKJ X . 23.88 -69.00 -27.92
N30 A1IKJ X . 23.62 -68.79 -28.22
O03 A1IKJ X . 21.65 -63.18 -19.85
O03 A1IKJ X . 21.61 -63.22 -19.72
O15 A1IKJ X . 28.28 -66.89 -19.87
O15 A1IKJ X . 28.27 -66.80 -19.85
O19 A1IKJ X . 30.24 -65.91 -23.78
O19 A1IKJ X . 30.20 -65.91 -23.77
O23 A1IKJ X . 27.71 -66.33 -26.05
O23 A1IKJ X . 27.49 -66.45 -25.93
S SO4 Y . 29.09 -52.50 -19.26
O1 SO4 Y . 29.61 -53.11 -17.98
O2 SO4 Y . 30.20 -52.45 -20.28
O3 SO4 Y . 28.58 -51.12 -18.99
O4 SO4 Y . 27.96 -53.34 -19.80
#